data_8Z79
#
_entry.id   8Z79
#
_cell.length_a   79.380
_cell.length_b   102.770
_cell.length_c   89.068
_cell.angle_alpha   90.000
_cell.angle_beta   107.984
_cell.angle_gamma   90.000
#
_symmetry.space_group_name_H-M   'P 1 21 1'
#
loop_
_entity.id
_entity.type
_entity.pdbx_description
1 polymer 'Flavin-dependent lyase'
2 polymer "DNA (5'-D(*TP*AP*GP*TP*CP*AP*TP*GP*AP*CP*T)-3')"
3 non-polymer 'FLAVIN-ADENINE DINUCLEOTIDE'
#
loop_
_entity_poly.entity_id
_entity_poly.type
_entity_poly.pdbx_seq_one_letter_code
_entity_poly.pdbx_strand_id
1 'polypeptide(L)'
;SMKTDVIVVGAGLFGSIAAKALAQAGLAVVGVDDSRPGAGSLPAACLMKPSWFSSMGKDKFEPSLELLDRIYGVKDISFK
VGLLRATVHWCDPAQILGDEEVPVYREKVTALTRTSSGWAVSLEGREAALEARSVVVAAGVWTSELVRSQALGGLVGRAG
VAFRWQDMQLEEQFISPWAPYRQTVGFNISPTEVWVGDGSAIKPENWNQDRQNVSYSRCAQAIDRAGFGDQEAGRVKALY
GIRPYIAGVVPCLLEEVEPGLWALTGGAKNGTISAGWAASELVRRIK
;
A,B,C,D
2 'polydeoxyribonucleotide' (DT)(DA)(DG)(DT)(DC)(DA)(DT)(DG)(DA)(DC)(DT) E,F,G,H
#
loop_
_chem_comp.id
_chem_comp.type
_chem_comp.name
_chem_comp.formula
DA DNA linking 2'-DEOXYADENOSINE-5'-MONOPHOSPHATE 'C10 H14 N5 O6 P'
DC DNA linking 2'-DEOXYCYTIDINE-5'-MONOPHOSPHATE 'C9 H14 N3 O7 P'
DG DNA linking 2'-DEOXYGUANOSINE-5'-MONOPHOSPHATE 'C10 H14 N5 O7 P'
DT DNA linking THYMIDINE-5'-MONOPHOSPHATE 'C10 H15 N2 O8 P'
FAD non-polymer 'FLAVIN-ADENINE DINUCLEOTIDE' 'C27 H33 N9 O15 P2'
#
# COMPACT_ATOMS: atom_id res chain seq x y z
N SER A 1 26.10 7.43 1.40
CA SER A 1 25.84 6.06 1.82
C SER A 1 25.95 5.88 3.32
N MET A 2 25.16 4.96 3.85
CA MET A 2 25.27 4.63 5.26
C MET A 2 26.42 3.64 5.46
N LYS A 3 27.34 3.95 6.38
CA LYS A 3 28.49 3.09 6.64
C LYS A 3 28.72 3.04 8.15
N THR A 4 28.59 1.84 8.72
CA THR A 4 28.63 1.64 10.17
C THR A 4 29.58 0.51 10.52
N ASP A 5 29.71 0.27 11.84
CA ASP A 5 30.46 -0.89 12.34
C ASP A 5 29.69 -2.18 12.15
N VAL A 6 28.41 -2.24 12.55
CA VAL A 6 27.63 -3.48 12.47
C VAL A 6 26.20 -3.19 12.01
N ILE A 7 25.67 -4.03 11.12
CA ILE A 7 24.26 -3.98 10.75
C ILE A 7 23.60 -5.29 11.20
N VAL A 8 22.56 -5.18 12.03
CA VAL A 8 21.79 -6.33 12.49
C VAL A 8 20.47 -6.35 11.73
N VAL A 9 20.20 -7.45 11.03
CA VAL A 9 18.95 -7.65 10.31
C VAL A 9 17.97 -8.42 11.20
N GLY A 10 16.82 -7.81 11.50
CA GLY A 10 15.86 -8.44 12.38
C GLY A 10 15.88 -7.84 13.78
N ALA A 11 14.75 -7.37 14.28
CA ALA A 11 14.69 -6.76 15.61
C ALA A 11 13.63 -7.45 16.47
N GLY A 12 13.59 -8.79 16.42
CA GLY A 12 12.88 -9.58 17.39
C GLY A 12 13.81 -9.73 18.59
N LEU A 13 13.62 -10.80 19.36
CA LEU A 13 14.41 -10.93 20.59
C LEU A 13 15.90 -11.04 20.26
N PHE A 14 16.25 -11.78 19.21
CA PHE A 14 17.66 -12.06 18.96
C PHE A 14 18.39 -10.84 18.41
N GLY A 15 17.80 -10.15 17.45
CA GLY A 15 18.43 -8.96 16.89
C GLY A 15 18.41 -7.76 17.81
N SER A 16 17.37 -7.65 18.65
CA SER A 16 17.36 -6.56 19.62
C SER A 16 18.47 -6.77 20.63
N ILE A 17 18.55 -7.98 21.16
CA ILE A 17 19.53 -8.27 22.20
C ILE A 17 20.94 -8.21 21.63
N ALA A 18 21.15 -8.73 20.42
CA ALA A 18 22.51 -8.72 19.89
C ALA A 18 22.93 -7.30 19.52
N ALA A 19 22.05 -6.54 18.90
CA ALA A 19 22.39 -5.18 18.50
C ALA A 19 22.76 -4.34 19.72
N LYS A 20 21.92 -4.42 20.76
CA LYS A 20 22.16 -3.63 21.96
C LYS A 20 23.39 -4.12 22.71
N ALA A 21 23.65 -5.43 22.71
CA ALA A 21 24.88 -5.91 23.33
C ALA A 21 26.11 -5.37 22.59
N LEU A 22 26.04 -5.35 21.24
CA LEU A 22 27.12 -4.83 20.42
C LEU A 22 27.26 -3.31 20.59
N ALA A 23 26.15 -2.57 20.66
CA ALA A 23 26.28 -1.13 20.88
C ALA A 23 26.93 -0.84 22.21
N GLN A 24 26.60 -1.63 23.23
CA GLN A 24 27.11 -1.38 24.58
C GLN A 24 28.55 -1.82 24.71
N ALA A 25 29.07 -2.48 23.68
CA ALA A 25 30.45 -2.89 23.59
C ALA A 25 31.25 -1.86 22.82
N GLY A 26 30.61 -0.74 22.48
CA GLY A 26 31.26 0.40 21.88
C GLY A 26 30.97 0.58 20.42
N LEU A 27 30.33 -0.40 19.77
CA LEU A 27 30.22 -0.40 18.34
C LEU A 27 29.03 0.43 17.86
N ALA A 28 29.18 0.96 16.66
CA ALA A 28 28.12 1.69 16.00
C ALA A 28 27.28 0.65 15.27
N VAL A 29 26.04 0.49 15.67
CA VAL A 29 25.21 -0.56 15.11
C VAL A 29 23.93 0.06 14.55
N VAL A 30 23.43 -0.50 13.47
CA VAL A 30 22.16 -0.11 12.88
C VAL A 30 21.35 -1.37 12.68
N GLY A 31 20.02 -1.25 12.74
CA GLY A 31 19.16 -2.39 12.56
C GLY A 31 18.23 -2.21 11.38
N VAL A 32 17.74 -3.33 10.82
CA VAL A 32 16.77 -3.33 9.74
C VAL A 32 15.76 -4.42 10.04
N ASP A 33 14.48 -4.06 10.09
CA ASP A 33 13.39 -4.99 10.34
C ASP A 33 12.16 -4.48 9.60
N ASP A 34 11.46 -5.35 8.86
CA ASP A 34 10.30 -4.93 8.08
C ASP A 34 8.99 -5.22 8.78
N SER A 35 9.02 -5.63 10.04
CA SER A 35 7.81 -5.81 10.84
C SER A 35 6.80 -6.71 10.14
N ARG A 36 7.27 -7.76 9.50
CA ARG A 36 6.33 -8.64 8.83
C ARG A 36 5.51 -9.39 9.88
N PRO A 37 4.27 -9.72 9.57
CA PRO A 37 3.41 -10.36 10.58
C PRO A 37 3.93 -11.73 10.93
N GLY A 38 3.52 -12.22 12.12
CA GLY A 38 3.87 -13.58 12.48
C GLY A 38 5.22 -13.77 13.14
N ALA A 39 5.96 -12.68 13.39
CA ALA A 39 7.28 -12.79 14.00
C ALA A 39 7.16 -13.54 15.30
N GLY A 40 8.16 -14.36 15.60
CA GLY A 40 8.03 -15.20 16.77
C GLY A 40 8.25 -14.48 18.08
N SER A 41 8.70 -13.22 18.05
CA SER A 41 9.00 -12.52 19.29
C SER A 41 7.80 -11.80 19.87
N LEU A 42 6.74 -11.59 19.08
CA LEU A 42 5.66 -10.73 19.57
C LEU A 42 4.86 -11.40 20.69
N PRO A 43 4.56 -12.70 20.63
CA PRO A 43 3.84 -13.31 21.77
C PRO A 43 4.74 -13.66 22.94
N ALA A 44 6.02 -13.34 22.86
CA ALA A 44 6.99 -13.81 23.85
C ALA A 44 6.76 -13.18 25.21
N ALA A 45 7.08 -13.94 26.24
CA ALA A 45 7.01 -13.51 27.63
C ALA A 45 8.39 -13.30 28.22
N CYS A 46 9.42 -13.85 27.58
CA CYS A 46 10.81 -13.75 27.99
C CYS A 46 11.06 -14.39 29.35
N LEU A 47 10.30 -15.43 29.64
CA LEU A 47 10.51 -16.20 30.84
C LEU A 47 11.67 -17.16 30.58
N MET A 48 12.54 -17.31 31.57
CA MET A 48 13.76 -18.12 31.45
C MET A 48 13.80 -19.09 32.63
N LYS A 49 13.32 -20.29 32.42
CA LYS A 49 13.28 -21.18 33.59
C LYS A 49 14.39 -22.21 33.54
N PRO A 50 15.27 -22.26 34.55
CA PRO A 50 16.42 -23.20 34.50
C PRO A 50 16.07 -24.63 34.14
N SER A 51 14.98 -25.20 34.68
CA SER A 51 14.60 -26.56 34.30
C SER A 51 14.41 -26.65 32.78
N TRP A 52 13.99 -25.56 32.15
CA TRP A 52 13.77 -25.54 30.71
C TRP A 52 15.08 -25.34 29.94
N PHE A 53 16.01 -24.52 30.46
CA PHE A 53 17.18 -24.15 29.68
C PHE A 53 18.50 -24.76 30.14
N SER A 54 18.57 -25.31 31.37
CA SER A 54 19.86 -25.79 31.86
C SER A 54 20.47 -26.87 30.96
N SER A 55 19.68 -27.52 30.09
CA SER A 55 20.27 -28.45 29.13
C SER A 55 21.37 -27.77 28.34
N MET A 56 21.41 -26.44 28.38
CA MET A 56 22.38 -25.60 27.66
C MET A 56 23.77 -25.73 28.25
N GLY A 57 23.88 -25.73 29.57
CA GLY A 57 25.16 -25.81 30.26
C GLY A 57 25.51 -24.50 30.96
N LYS A 58 26.16 -24.63 32.12
CA LYS A 58 26.58 -23.44 32.85
C LYS A 58 27.49 -22.55 32.01
N ASP A 59 28.29 -23.13 31.13
CA ASP A 59 29.19 -22.37 30.27
C ASP A 59 28.44 -21.39 29.39
N LYS A 60 27.15 -21.59 29.20
CA LYS A 60 26.41 -20.74 28.29
C LYS A 60 25.31 -19.94 28.97
N PHE A 61 24.55 -20.54 29.89
CA PHE A 61 23.50 -19.74 30.52
C PHE A 61 24.07 -18.69 31.47
N GLU A 62 25.22 -18.96 32.12
CA GLU A 62 25.75 -17.96 33.04
C GLU A 62 26.23 -16.67 32.34
N PRO A 63 27.03 -16.72 31.27
CA PRO A 63 27.32 -15.46 30.56
C PRO A 63 26.04 -14.80 30.08
N SER A 64 25.09 -15.62 29.63
CA SER A 64 23.83 -15.11 29.10
C SER A 64 23.07 -14.32 30.14
N LEU A 65 22.91 -14.86 31.35
CA LEU A 65 22.23 -14.11 32.40
C LEU A 65 23.00 -12.86 32.83
N GLU A 66 24.34 -12.92 32.83
CA GLU A 66 25.07 -11.72 33.22
C GLU A 66 24.85 -10.61 32.20
N LEU A 67 24.88 -10.95 30.92
CA LEU A 67 24.64 -9.94 29.88
C LEU A 67 23.25 -9.34 30.03
N LEU A 68 22.26 -10.21 30.23
CA LEU A 68 20.88 -9.76 30.25
C LEU A 68 20.63 -8.90 31.48
N ASP A 69 21.21 -9.29 32.62
CA ASP A 69 21.03 -8.48 33.81
C ASP A 69 21.76 -7.15 33.69
N ARG A 70 22.94 -7.17 33.08
CA ARG A 70 23.67 -5.92 32.93
C ARG A 70 22.93 -4.97 32.01
N ILE A 71 22.43 -5.47 30.88
CA ILE A 71 21.85 -4.59 29.88
C ILE A 71 20.41 -4.26 30.20
N TYR A 72 19.65 -5.23 30.67
CA TYR A 72 18.22 -5.05 30.85
C TYR A 72 17.77 -5.18 32.29
N GLY A 73 18.38 -6.08 33.06
CA GLY A 73 17.88 -6.35 34.38
C GLY A 73 17.10 -7.64 34.34
N VAL A 74 17.53 -8.65 35.08
CA VAL A 74 16.80 -9.90 35.18
C VAL A 74 16.04 -9.89 36.51
N LYS A 75 14.71 -9.78 36.45
CA LYS A 75 13.88 -9.88 37.65
C LYS A 75 13.47 -11.33 37.85
N ASP A 76 13.36 -11.75 39.10
CA ASP A 76 12.96 -13.11 39.44
C ASP A 76 11.48 -13.13 39.81
N ILE A 77 10.78 -14.15 39.34
CA ILE A 77 9.36 -14.31 39.66
C ILE A 77 9.17 -15.63 40.38
N SER A 78 8.39 -15.60 41.45
CA SER A 78 8.05 -16.80 42.19
C SER A 78 6.74 -17.36 41.65
N PHE A 79 6.79 -18.59 41.15
CA PHE A 79 5.64 -19.24 40.56
C PHE A 79 5.13 -20.35 41.44
N LYS A 80 3.82 -20.51 41.44
CA LYS A 80 3.16 -21.64 42.07
C LYS A 80 3.17 -22.81 41.09
N VAL A 81 3.83 -23.91 41.43
CA VAL A 81 3.80 -25.14 40.62
C VAL A 81 3.18 -26.24 41.47
N GLY A 82 1.86 -26.36 41.45
CA GLY A 82 1.23 -27.37 42.29
C GLY A 82 1.31 -26.95 43.74
N LEU A 83 1.79 -27.85 44.58
CA LEU A 83 2.00 -27.54 45.98
C LEU A 83 3.32 -26.82 46.23
N LEU A 84 4.21 -26.82 45.26
CA LEU A 84 5.54 -26.27 45.42
C LEU A 84 5.63 -24.88 44.81
N ARG A 85 6.83 -24.31 44.91
CA ARG A 85 7.18 -23.00 44.36
C ARG A 85 8.44 -23.17 43.52
N ALA A 86 8.51 -22.42 42.43
CA ALA A 86 9.68 -22.42 41.58
C ALA A 86 9.93 -20.98 41.17
N THR A 87 11.20 -20.58 41.12
CA THR A 87 11.58 -19.23 40.74
C THR A 87 12.00 -19.29 39.27
N VAL A 88 11.46 -18.38 38.47
CA VAL A 88 11.74 -18.33 37.05
C VAL A 88 12.38 -16.98 36.75
N HIS A 89 13.42 -16.97 35.92
CA HIS A 89 14.02 -15.71 35.55
C HIS A 89 13.14 -15.03 34.52
N TRP A 90 13.20 -13.69 34.49
CA TRP A 90 12.35 -12.93 33.60
C TRP A 90 13.08 -11.66 33.17
N CYS A 91 12.86 -11.27 31.92
CA CYS A 91 13.19 -9.94 31.43
C CYS A 91 11.91 -9.36 30.83
N ASP A 92 11.73 -8.05 30.97
CA ASP A 92 10.52 -7.42 30.46
C ASP A 92 10.60 -7.37 28.94
N PRO A 93 9.74 -8.10 28.23
CA PRO A 93 9.77 -8.06 26.76
C PRO A 93 9.53 -6.68 26.22
N ALA A 94 8.75 -5.86 26.92
CA ALA A 94 8.57 -4.51 26.40
C ALA A 94 9.86 -3.73 26.50
N GLN A 95 10.72 -4.07 27.46
CA GLN A 95 11.97 -3.36 27.58
C GLN A 95 12.98 -3.82 26.52
N ILE A 96 13.00 -5.11 26.18
CA ILE A 96 13.93 -5.57 25.16
C ILE A 96 13.46 -5.14 23.78
N LEU A 97 12.19 -5.36 23.47
CA LEU A 97 11.78 -5.05 22.11
C LEU A 97 11.46 -3.59 21.92
N GLY A 98 11.54 -2.79 22.98
CA GLY A 98 11.22 -1.39 22.83
C GLY A 98 12.41 -0.47 22.94
N ASP A 99 13.56 -1.01 23.34
CA ASP A 99 14.74 -0.17 23.54
C ASP A 99 15.10 0.53 22.24
N GLU A 100 15.46 1.80 22.33
CA GLU A 100 15.68 2.62 21.14
C GLU A 100 17.13 3.06 20.96
N GLU A 101 18.05 2.48 21.74
CA GLU A 101 19.46 2.83 21.64
C GLU A 101 20.01 2.54 20.26
N VAL A 102 19.56 1.46 19.65
CA VAL A 102 19.97 1.10 18.30
C VAL A 102 18.85 1.57 17.35
N PRO A 103 19.14 2.46 16.43
CA PRO A 103 18.11 2.88 15.48
C PRO A 103 17.80 1.74 14.54
N VAL A 104 16.56 1.67 14.09
CA VAL A 104 16.17 0.57 13.20
C VAL A 104 15.44 1.11 11.98
N TYR A 105 15.98 0.80 10.80
CA TYR A 105 15.33 1.12 9.53
C TYR A 105 14.16 0.18 9.36
N ARG A 106 12.99 0.73 9.04
CA ARG A 106 11.83 -0.12 8.80
C ARG A 106 11.78 -0.49 7.31
N GLU A 107 12.72 -1.35 6.92
CA GLU A 107 12.87 -1.71 5.51
C GLU A 107 12.99 -3.23 5.37
N LYS A 108 12.85 -3.71 4.13
CA LYS A 108 13.02 -5.12 3.81
C LYS A 108 14.38 -5.35 3.16
N VAL A 109 15.20 -6.15 3.81
CA VAL A 109 16.49 -6.55 3.23
C VAL A 109 16.21 -7.48 2.06
N THR A 110 16.68 -7.10 0.88
CA THR A 110 16.44 -7.89 -0.32
C THR A 110 17.63 -8.73 -0.72
N ALA A 111 18.82 -8.32 -0.29
CA ALA A 111 20.03 -9.02 -0.67
C ALA A 111 21.15 -8.60 0.26
N LEU A 112 22.20 -9.42 0.28
CA LEU A 112 23.38 -9.21 1.13
C LEU A 112 24.57 -9.48 0.23
N THR A 113 25.23 -8.42 -0.20
CA THR A 113 26.35 -8.54 -1.13
C THR A 113 27.64 -8.19 -0.45
N ARG A 114 28.70 -8.87 -0.84
CA ARG A 114 30.02 -8.53 -0.35
C ARG A 114 30.57 -7.37 -1.17
N THR A 115 31.31 -6.49 -0.50
CA THR A 115 31.96 -5.31 -1.06
C THR A 115 33.42 -5.37 -0.63
N SER A 116 34.22 -4.44 -1.15
CA SER A 116 35.65 -4.43 -0.87
C SER A 116 35.90 -4.47 0.64
N SER A 117 35.31 -3.54 1.38
CA SER A 117 35.32 -3.66 2.81
C SER A 117 33.88 -3.88 3.26
N GLY A 118 33.68 -4.91 4.09
CA GLY A 118 32.35 -5.15 4.60
C GLY A 118 31.33 -5.69 3.58
N TRP A 119 30.10 -5.71 4.05
CA TRP A 119 28.93 -6.24 3.38
C TRP A 119 28.00 -5.09 3.01
N ALA A 120 27.16 -5.32 2.00
CA ALA A 120 26.21 -4.31 1.54
C ALA A 120 24.82 -4.90 1.68
N VAL A 121 23.99 -4.23 2.45
CA VAL A 121 22.64 -4.70 2.72
C VAL A 121 21.74 -3.97 1.74
N SER A 122 21.11 -4.72 0.86
CA SER A 122 20.30 -4.14 -0.19
C SER A 122 18.87 -4.15 0.30
N LEU A 123 18.16 -3.08 0.01
CA LEU A 123 16.82 -2.90 0.51
C LEU A 123 15.88 -2.58 -0.65
N GLU A 124 14.68 -3.13 -0.56
CA GLU A 124 13.70 -2.92 -1.62
C GLU A 124 13.45 -1.43 -1.80
N GLY A 125 13.41 -0.99 -3.05
CA GLY A 125 13.09 0.39 -3.33
C GLY A 125 14.17 1.39 -3.03
N ARG A 126 15.40 0.95 -2.77
CA ARG A 126 16.46 1.89 -2.45
C ARG A 126 17.66 1.57 -3.33
N GLU A 127 17.98 2.50 -4.24
CA GLU A 127 19.14 2.34 -5.11
C GLU A 127 20.41 2.37 -4.28
N ALA A 128 20.36 3.03 -3.14
CA ALA A 128 21.45 2.98 -2.19
C ALA A 128 21.26 1.78 -1.29
N ALA A 129 22.38 1.24 -0.81
CA ALA A 129 22.37 0.10 0.07
C ALA A 129 23.22 0.43 1.28
N LEU A 130 22.87 -0.18 2.41
CA LEU A 130 23.58 0.05 3.65
C LEU A 130 24.87 -0.76 3.68
N GLU A 131 25.83 -0.29 4.47
CA GLU A 131 27.12 -0.97 4.54
C GLU A 131 27.65 -0.98 5.96
N ALA A 132 28.30 -2.08 6.32
CA ALA A 132 28.97 -2.21 7.61
C ALA A 132 30.03 -3.28 7.46
N ARG A 133 30.98 -3.27 8.40
CA ARG A 133 32.02 -4.28 8.38
C ARG A 133 31.44 -5.66 8.67
N SER A 134 30.54 -5.73 9.64
CA SER A 134 29.93 -6.99 10.04
C SER A 134 28.41 -6.89 9.93
N VAL A 135 27.80 -7.99 9.48
CA VAL A 135 26.35 -8.08 9.40
C VAL A 135 25.95 -9.32 10.19
N VAL A 136 24.99 -9.15 11.11
CA VAL A 136 24.35 -10.22 11.84
C VAL A 136 22.93 -10.33 11.31
N VAL A 137 22.56 -11.52 10.86
CA VAL A 137 21.21 -11.76 10.34
C VAL A 137 20.44 -12.51 11.40
N ALA A 138 19.60 -11.80 12.14
CA ALA A 138 18.74 -12.48 13.10
C ALA A 138 17.33 -12.38 12.57
N ALA A 139 17.07 -13.03 11.44
CA ALA A 139 15.79 -12.90 10.74
C ALA A 139 14.82 -14.02 11.08
N GLY A 140 15.02 -14.67 12.23
CA GLY A 140 14.12 -15.71 12.67
C GLY A 140 13.93 -16.78 11.63
N VAL A 141 12.67 -17.18 11.45
CA VAL A 141 12.33 -18.26 10.54
C VAL A 141 12.52 -17.91 9.08
N TRP A 142 12.83 -16.65 8.77
CA TRP A 142 13.08 -16.18 7.43
C TRP A 142 14.56 -16.02 7.15
N THR A 143 15.41 -16.46 8.07
CA THR A 143 16.84 -16.24 7.93
C THR A 143 17.38 -16.93 6.68
N SER A 144 16.81 -18.08 6.32
CA SER A 144 17.21 -18.84 5.15
C SER A 144 16.74 -18.20 3.84
N GLU A 145 16.03 -17.07 3.88
CA GLU A 145 15.70 -16.37 2.64
C GLU A 145 16.84 -15.42 2.25
N LEU A 146 17.76 -15.15 3.16
CA LEU A 146 18.85 -14.24 2.94
C LEU A 146 20.21 -14.89 3.10
N VAL A 147 20.31 -15.92 3.93
CA VAL A 147 21.55 -16.64 4.18
C VAL A 147 21.36 -18.14 3.95
N ARG A 148 22.38 -18.78 3.37
CA ARG A 148 22.36 -20.20 3.00
C ARG A 148 23.44 -20.92 3.77
N SER A 149 23.16 -22.16 4.16
CA SER A 149 24.14 -22.93 4.91
C SER A 149 23.66 -24.37 4.95
N GLN A 150 24.53 -25.24 5.46
CA GLN A 150 24.11 -26.61 5.65
C GLN A 150 23.11 -26.67 6.80
N ALA A 151 23.48 -26.09 7.94
CA ALA A 151 22.62 -26.03 9.11
C ALA A 151 21.27 -25.38 8.77
N LEU A 152 21.30 -24.31 7.99
CA LEU A 152 20.09 -23.56 7.70
C LEU A 152 19.11 -24.32 6.82
N GLY A 153 19.49 -25.51 6.36
CA GLY A 153 18.58 -26.31 5.56
C GLY A 153 17.50 -26.95 6.39
N GLY A 154 17.75 -27.10 7.69
CA GLY A 154 16.78 -27.61 8.64
C GLY A 154 15.96 -26.54 9.31
N LEU A 155 16.01 -25.31 8.83
CA LEU A 155 15.29 -24.23 9.47
C LEU A 155 13.79 -24.40 9.23
N VAL A 156 13.02 -24.54 10.31
CA VAL A 156 11.57 -24.67 10.24
C VAL A 156 10.92 -23.75 11.26
N GLY A 157 9.61 -23.60 11.13
CA GLY A 157 8.81 -22.75 12.02
C GLY A 157 7.91 -23.57 12.92
N ARG A 158 7.90 -23.22 14.20
CA ARG A 158 6.99 -23.85 15.16
C ARG A 158 6.12 -22.75 15.76
N ALA A 159 4.88 -22.65 15.32
CA ALA A 159 4.04 -21.55 15.75
C ALA A 159 3.39 -21.84 17.10
N GLY A 160 2.98 -20.76 17.76
CA GLY A 160 2.33 -20.87 19.05
C GLY A 160 1.54 -19.61 19.31
N VAL A 161 0.79 -19.63 20.39
CA VAL A 161 -0.08 -18.52 20.72
C VAL A 161 0.01 -18.23 22.21
N ALA A 162 -0.15 -16.97 22.55
CA ALA A 162 -0.23 -16.50 23.92
C ALA A 162 -1.39 -15.52 24.00
N PHE A 163 -1.92 -15.34 25.20
CA PHE A 163 -3.08 -14.47 25.40
C PHE A 163 -2.77 -13.44 26.46
N ARG A 164 -3.04 -12.20 26.17
CA ARG A 164 -2.72 -11.09 27.06
C ARG A 164 -4.03 -10.43 27.46
N TRP A 165 -4.38 -10.54 28.74
CA TRP A 165 -5.59 -9.90 29.24
C TRP A 165 -5.29 -8.49 29.72
N GLN A 166 -6.21 -7.58 29.41
CA GLN A 166 -6.04 -6.19 29.77
C GLN A 166 -6.68 -5.95 31.14
N ASP A 167 -6.11 -4.98 31.87
CA ASP A 167 -6.65 -4.56 33.15
C ASP A 167 -6.93 -5.74 34.07
N MET A 168 -5.89 -6.54 34.28
CA MET A 168 -6.08 -7.72 35.13
C MET A 168 -4.76 -8.10 35.77
N GLN A 169 -4.81 -8.65 36.98
CA GLN A 169 -3.60 -9.13 37.63
C GLN A 169 -3.91 -10.44 38.34
N LEU A 170 -2.91 -11.30 38.44
CA LEU A 170 -3.08 -12.60 39.08
C LEU A 170 -2.59 -12.52 40.51
N GLU A 171 -3.42 -13.02 41.44
CA GLU A 171 -3.00 -13.08 42.83
C GLU A 171 -1.92 -14.12 43.00
N GLU A 172 -2.00 -15.21 42.24
CA GLU A 172 -0.98 -16.25 42.21
C GLU A 172 -0.51 -16.49 40.79
N GLN A 173 0.80 -16.37 40.57
CA GLN A 173 1.36 -16.71 39.28
C GLN A 173 1.73 -18.18 39.29
N PHE A 174 1.41 -18.88 38.20
CA PHE A 174 1.43 -20.33 38.27
C PHE A 174 2.02 -20.95 37.01
N ILE A 175 2.40 -22.21 37.18
CA ILE A 175 2.78 -23.15 36.12
C ILE A 175 2.04 -24.46 36.39
N SER A 176 1.06 -24.78 35.54
CA SER A 176 0.24 -25.99 35.70
C SER A 176 0.52 -26.96 34.56
N PRO A 177 1.22 -28.08 34.82
CA PRO A 177 1.48 -29.10 33.78
C PRO A 177 0.24 -29.84 33.29
N TRP A 178 0.13 -30.03 31.98
CA TRP A 178 -1.03 -30.76 31.45
C TRP A 178 -0.66 -31.92 30.54
N ALA A 179 0.59 -31.96 30.09
CA ALA A 179 1.03 -33.03 29.20
C ALA A 179 2.54 -33.15 29.20
N PRO A 180 3.09 -34.26 28.71
CA PRO A 180 4.56 -34.36 28.60
C PRO A 180 5.11 -33.24 27.72
N TYR A 181 6.12 -32.54 28.25
CA TYR A 181 6.75 -31.39 27.59
C TYR A 181 5.79 -30.21 27.52
N ARG A 182 4.74 -30.21 28.33
CA ARG A 182 3.70 -29.20 28.17
C ARG A 182 3.21 -28.68 29.51
N GLN A 183 3.13 -27.36 29.64
CA GLN A 183 2.58 -26.75 30.84
C GLN A 183 1.92 -25.43 30.47
N THR A 184 0.81 -25.15 31.13
CA THR A 184 0.18 -23.83 31.07
C THR A 184 0.80 -22.91 32.10
N VAL A 185 1.22 -21.73 31.64
CA VAL A 185 1.94 -20.73 32.42
C VAL A 185 1.15 -19.42 32.40
N GLY A 186 0.81 -18.90 33.58
CA GLY A 186 0.11 -17.63 33.71
C GLY A 186 0.81 -16.67 34.65
N PHE A 187 0.96 -15.41 34.27
CA PHE A 187 1.62 -14.45 35.14
C PHE A 187 1.31 -13.03 34.67
N ASN A 188 1.80 -12.06 35.46
CA ASN A 188 1.64 -10.65 35.15
C ASN A 188 2.88 -10.19 34.38
N ILE A 189 2.72 -9.93 33.09
CA ILE A 189 3.84 -9.52 32.23
C ILE A 189 4.10 -8.02 32.38
N SER A 190 3.10 -7.27 32.84
CA SER A 190 3.02 -5.83 33.06
C SER A 190 2.22 -5.63 34.36
N PRO A 191 2.27 -4.44 34.96
CA PRO A 191 1.42 -4.20 36.15
C PRO A 191 -0.08 -4.13 35.84
N THR A 192 -0.49 -4.29 34.58
CA THR A 192 -1.89 -4.15 34.21
C THR A 192 -2.38 -5.30 33.33
N GLU A 193 -1.51 -6.26 33.04
CA GLU A 193 -1.80 -7.29 32.06
C GLU A 193 -1.36 -8.64 32.57
N VAL A 194 -2.14 -9.66 32.21
CA VAL A 194 -1.87 -11.05 32.55
C VAL A 194 -1.62 -11.80 31.26
N TRP A 195 -0.57 -12.61 31.24
CA TRP A 195 -0.15 -13.35 30.07
C TRP A 195 -0.36 -14.81 30.37
N VAL A 196 -0.96 -15.55 29.45
CA VAL A 196 -1.11 -17.00 29.58
C VAL A 196 -0.74 -17.65 28.25
N GLY A 197 0.01 -18.75 28.30
CA GLY A 197 0.30 -19.53 27.12
C GLY A 197 0.47 -20.98 27.55
N ASP A 198 0.26 -21.91 26.60
CA ASP A 198 0.30 -23.32 26.96
C ASP A 198 1.47 -24.07 26.34
N GLY A 199 2.33 -23.39 25.56
CA GLY A 199 3.49 -24.03 24.97
C GLY A 199 3.25 -24.76 23.68
N SER A 200 2.06 -24.63 23.06
CA SER A 200 1.79 -25.36 21.83
C SER A 200 2.76 -24.91 20.74
N ALA A 201 3.33 -25.88 20.03
CA ALA A 201 4.30 -25.59 18.99
C ALA A 201 3.89 -26.40 17.75
N ILE A 202 3.32 -25.72 16.76
CA ILE A 202 2.76 -26.40 15.60
C ILE A 202 3.37 -25.82 14.32
N LYS A 203 3.52 -26.67 13.29
CA LYS A 203 3.93 -26.17 11.97
C LYS A 203 2.87 -25.17 11.50
N PRO A 204 3.27 -23.97 11.08
CA PRO A 204 2.28 -22.94 10.77
C PRO A 204 1.20 -23.38 9.83
N GLU A 205 1.46 -24.34 8.94
CA GLU A 205 0.39 -24.73 8.02
C GLU A 205 -0.67 -25.58 8.71
N ASN A 206 -0.39 -26.15 9.88
CA ASN A 206 -1.38 -26.96 10.59
C ASN A 206 -2.10 -26.17 11.67
N TRP A 207 -1.85 -24.87 11.74
CA TRP A 207 -2.51 -24.01 12.69
C TRP A 207 -3.82 -23.51 12.10
N ASN A 208 -4.79 -23.28 12.97
CA ASN A 208 -6.10 -22.82 12.52
C ASN A 208 -6.83 -22.23 13.71
N GLN A 209 -7.97 -21.60 13.42
CA GLN A 209 -8.73 -20.98 14.49
C GLN A 209 -9.28 -22.01 15.47
N ASP A 210 -9.62 -23.22 15.01
CA ASP A 210 -10.04 -24.27 15.96
C ASP A 210 -8.88 -24.73 16.84
N ARG A 211 -7.68 -24.88 16.25
CA ARG A 211 -6.54 -25.27 17.06
C ARG A 211 -6.20 -24.17 18.06
N GLN A 212 -6.35 -22.92 17.62
CA GLN A 212 -6.12 -21.83 18.55
C GLN A 212 -7.13 -21.83 19.67
N ASN A 213 -8.36 -22.26 19.42
CA ASN A 213 -9.38 -22.20 20.46
C ASN A 213 -9.13 -23.22 21.55
N VAL A 214 -8.49 -24.34 21.23
CA VAL A 214 -8.17 -25.29 22.28
C VAL A 214 -7.17 -24.65 23.24
N SER A 215 -6.23 -23.89 22.68
CA SER A 215 -5.24 -23.20 23.51
C SER A 215 -5.85 -22.00 24.24
N TYR A 216 -6.84 -21.33 23.65
CA TYR A 216 -7.53 -20.27 24.39
C TYR A 216 -8.31 -20.86 25.56
N SER A 217 -9.05 -21.95 25.32
CA SER A 217 -9.87 -22.53 26.37
C SER A 217 -8.99 -23.05 27.50
N ARG A 218 -7.88 -23.68 27.16
CA ARG A 218 -6.92 -24.10 28.18
C ARG A 218 -6.39 -22.90 28.95
N CYS A 219 -6.06 -21.82 28.25
CA CYS A 219 -5.46 -20.68 28.92
C CYS A 219 -6.50 -19.89 29.70
N ALA A 220 -7.71 -19.71 29.14
CA ALA A 220 -8.75 -18.99 29.86
C ALA A 220 -9.20 -19.76 31.09
N GLN A 221 -9.38 -21.07 30.94
CA GLN A 221 -9.81 -21.89 32.07
C GLN A 221 -8.78 -21.82 33.19
N ALA A 222 -7.52 -21.59 32.86
CA ALA A 222 -6.46 -21.56 33.86
C ALA A 222 -6.56 -20.31 34.73
N ILE A 223 -7.15 -19.24 34.21
CA ILE A 223 -7.38 -18.00 34.95
C ILE A 223 -8.87 -17.75 35.15
N ASP A 224 -9.70 -18.79 35.02
CA ASP A 224 -11.14 -18.69 35.25
C ASP A 224 -11.79 -17.59 34.41
N ARG A 225 -11.54 -17.61 33.12
CA ARG A 225 -12.18 -16.62 32.29
C ARG A 225 -12.93 -17.22 31.13
N ALA A 226 -12.99 -18.54 31.03
CA ALA A 226 -13.70 -19.21 29.96
C ALA A 226 -15.21 -19.12 30.15
N GLY A 227 -15.92 -18.74 29.07
CA GLY A 227 -17.34 -18.60 29.07
C GLY A 227 -17.81 -17.17 29.08
N PHE A 228 -16.91 -16.23 29.33
CA PHE A 228 -17.23 -14.83 29.48
C PHE A 228 -17.03 -14.05 28.19
N GLY A 229 -16.66 -14.72 27.10
CA GLY A 229 -16.44 -14.06 25.82
C GLY A 229 -15.41 -12.95 25.83
N ASP A 230 -14.27 -13.15 26.50
CA ASP A 230 -13.30 -12.08 26.62
C ASP A 230 -12.72 -11.69 25.26
N GLN A 231 -12.62 -12.63 24.33
CA GLN A 231 -12.06 -12.33 23.00
C GLN A 231 -12.97 -11.40 22.21
N GLU A 232 -14.25 -11.73 22.12
CA GLU A 232 -15.13 -10.89 21.30
C GLU A 232 -15.42 -9.56 21.97
N ALA A 233 -15.20 -9.47 23.27
CA ALA A 233 -15.37 -8.24 24.04
C ALA A 233 -14.12 -7.36 23.98
N GLY A 234 -13.05 -7.84 23.35
CA GLY A 234 -11.82 -7.07 23.27
C GLY A 234 -11.10 -6.95 24.59
N ARG A 235 -11.27 -7.89 25.52
CA ARG A 235 -10.62 -7.84 26.81
C ARG A 235 -9.32 -8.65 26.84
N VAL A 236 -9.15 -9.55 25.88
CA VAL A 236 -7.94 -10.34 25.75
C VAL A 236 -7.47 -10.25 24.30
N LYS A 237 -6.16 -10.15 24.10
CA LYS A 237 -5.56 -10.12 22.77
C LYS A 237 -4.85 -11.44 22.55
N ALA A 238 -5.12 -12.06 21.40
CA ALA A 238 -4.40 -13.26 21.02
C ALA A 238 -3.18 -12.89 20.17
N LEU A 239 -2.03 -13.45 20.55
CA LEU A 239 -0.73 -13.14 19.94
C LEU A 239 -0.18 -14.41 19.31
N TYR A 240 -0.10 -14.43 17.99
CA TYR A 240 0.40 -15.56 17.21
C TYR A 240 1.82 -15.29 16.72
N GLY A 241 2.68 -16.29 16.80
CA GLY A 241 4.04 -16.08 16.35
C GLY A 241 4.69 -17.39 15.96
N ILE A 242 5.64 -17.31 15.05
CA ILE A 242 6.34 -18.46 14.52
C ILE A 242 7.74 -18.51 15.09
N ARG A 243 8.01 -19.56 15.87
CA ARG A 243 9.34 -19.77 16.42
C ARG A 243 10.25 -20.40 15.37
N PRO A 244 11.49 -19.93 15.25
CA PRO A 244 12.46 -20.59 14.37
C PRO A 244 13.04 -21.82 15.07
N TYR A 245 13.05 -22.94 14.37
CA TYR A 245 13.48 -24.20 14.97
C TYR A 245 14.42 -24.91 14.00
N ILE A 246 15.51 -25.45 14.53
CA ILE A 246 16.38 -26.31 13.75
C ILE A 246 16.72 -27.56 14.57
N ALA A 247 16.33 -28.73 14.06
CA ALA A 247 16.63 -29.97 14.74
C ALA A 247 18.12 -30.09 14.92
N GLY A 248 18.55 -30.31 16.16
CA GLY A 248 19.95 -30.48 16.44
C GLY A 248 20.80 -29.29 16.87
N VAL A 249 20.24 -28.28 17.57
CA VAL A 249 21.02 -27.05 17.89
C VAL A 249 20.90 -26.58 19.34
N PRO A 251 22.22 -24.73 21.57
CA PRO A 251 21.28 -23.76 22.17
C PRO A 251 20.50 -23.06 21.08
N CYS A 252 21.23 -22.53 20.10
CA CYS A 252 20.65 -21.92 18.93
C CYS A 252 21.72 -21.98 17.84
N LEU A 253 21.41 -21.48 16.65
CA LEU A 253 22.40 -21.42 15.59
C LEU A 253 23.05 -20.04 15.54
N LEU A 254 24.36 -19.98 15.82
CA LEU A 254 25.19 -18.79 15.63
C LEU A 254 26.38 -19.21 14.79
N GLU A 255 26.37 -18.92 13.50
CA GLU A 255 27.46 -19.36 12.64
C GLU A 255 27.88 -18.25 11.69
N GLU A 256 29.19 -18.10 11.50
CA GLU A 256 29.75 -17.16 10.53
C GLU A 256 29.77 -17.83 9.15
N VAL A 257 28.77 -17.52 8.33
CA VAL A 257 28.59 -18.21 7.06
C VAL A 257 29.68 -17.85 6.07
N GLU A 258 30.03 -16.57 5.98
CA GLU A 258 31.15 -16.04 5.22
C GLU A 258 31.86 -15.11 6.18
N PRO A 259 33.11 -14.74 5.92
CA PRO A 259 33.82 -13.87 6.87
C PRO A 259 33.06 -12.59 7.16
N GLY A 260 32.70 -12.41 8.43
CA GLY A 260 31.98 -11.20 8.81
C GLY A 260 30.47 -11.26 8.70
N LEU A 261 29.90 -12.36 8.22
CA LEU A 261 28.46 -12.52 8.02
C LEU A 261 27.92 -13.60 8.94
N TRP A 262 27.09 -13.21 9.91
CA TRP A 262 26.59 -14.16 10.90
C TRP A 262 25.11 -14.46 10.72
N ALA A 263 24.77 -15.71 11.00
CA ALA A 263 23.39 -16.19 11.02
C ALA A 263 23.08 -16.56 12.46
N LEU A 264 21.93 -16.06 12.94
CA LEU A 264 21.47 -16.19 14.33
C LEU A 264 19.99 -16.59 14.35
N THR A 265 19.70 -17.85 14.62
CA THR A 265 18.30 -18.25 14.61
C THR A 265 18.20 -19.63 15.27
N GLY A 266 16.99 -20.19 15.27
CA GLY A 266 16.81 -21.51 15.84
C GLY A 266 16.61 -21.51 17.34
N GLY A 267 16.29 -20.36 17.91
CA GLY A 267 16.11 -20.19 19.33
C GLY A 267 14.73 -20.55 19.85
N ALA A 268 13.98 -21.37 19.09
CA ALA A 268 12.63 -21.77 19.47
C ALA A 268 12.49 -22.11 20.96
N LYS A 269 13.26 -23.05 21.45
CA LYS A 269 13.24 -23.37 22.87
C LYS A 269 14.17 -22.41 23.58
N ASN A 270 13.70 -21.83 24.68
CA ASN A 270 14.51 -20.95 25.51
C ASN A 270 15.15 -19.84 24.70
N GLY A 271 14.33 -18.89 24.27
CA GLY A 271 14.81 -17.92 23.31
C GLY A 271 15.57 -16.76 23.92
N THR A 272 15.02 -16.13 24.96
CA THR A 272 15.72 -14.97 25.50
C THR A 272 17.08 -15.37 26.07
N ILE A 273 17.14 -16.53 26.75
CA ILE A 273 18.39 -16.99 27.33
C ILE A 273 19.37 -17.43 26.23
N SER A 274 18.91 -18.11 25.19
CA SER A 274 19.87 -18.45 24.14
C SER A 274 20.28 -17.20 23.39
N ALA A 275 19.41 -16.19 23.32
CA ALA A 275 19.78 -14.95 22.67
C ALA A 275 20.84 -14.21 23.47
N GLY A 276 20.72 -14.22 24.81
CA GLY A 276 21.77 -13.66 25.62
C GLY A 276 23.11 -14.37 25.43
N TRP A 277 23.08 -15.70 25.28
CA TRP A 277 24.32 -16.42 25.03
C TRP A 277 24.93 -15.98 23.71
N ALA A 278 24.12 -16.01 22.64
CA ALA A 278 24.66 -15.67 21.33
C ALA A 278 25.19 -14.26 21.31
N ALA A 279 24.51 -13.33 21.99
CA ALA A 279 24.96 -11.95 22.05
C ALA A 279 26.28 -11.85 22.83
N SER A 280 26.39 -12.60 23.92
CA SER A 280 27.67 -12.64 24.64
C SER A 280 28.77 -13.09 23.70
N GLU A 281 28.49 -14.08 22.85
CA GLU A 281 29.47 -14.59 21.92
C GLU A 281 29.80 -13.60 20.82
N LEU A 282 28.82 -12.80 20.40
CA LEU A 282 29.07 -11.84 19.33
C LEU A 282 29.92 -10.70 19.85
N VAL A 283 29.74 -10.35 21.13
CA VAL A 283 30.52 -9.28 21.73
C VAL A 283 31.98 -9.68 21.82
N ARG A 284 32.22 -10.97 22.00
CA ARG A 284 33.58 -11.45 22.09
C ARG A 284 34.20 -11.66 20.70
N ARG A 285 33.41 -12.04 19.71
CA ARG A 285 33.93 -12.42 18.40
C ARG A 285 33.79 -11.35 17.33
N ILE A 286 33.27 -10.17 17.64
CA ILE A 286 33.15 -9.10 16.63
C ILE A 286 33.90 -7.87 17.12
N LYS A 287 34.85 -7.42 16.30
CA LYS A 287 35.67 -6.24 16.54
C LYS A 287 35.49 -5.24 15.39
N SER B 1 7.19 0.49 -33.80
CA SER B 1 7.08 -0.81 -33.12
C SER B 1 7.30 -0.82 -31.63
N MET B 2 6.64 -1.79 -30.99
CA MET B 2 6.85 -2.11 -29.59
C MET B 2 8.04 -3.05 -29.48
N LYS B 3 8.97 -2.72 -28.58
CA LYS B 3 10.18 -3.50 -28.34
C LYS B 3 10.37 -3.57 -26.82
N THR B 4 10.28 -4.77 -26.27
CA THR B 4 10.32 -4.97 -24.83
C THR B 4 11.22 -6.15 -24.52
N ASP B 5 11.37 -6.46 -23.24
CA ASP B 5 12.16 -7.61 -22.83
C ASP B 5 11.42 -8.93 -23.08
N VAL B 6 10.19 -9.03 -22.59
CA VAL B 6 9.42 -10.28 -22.60
C VAL B 6 8.01 -10.02 -23.07
N ILE B 7 7.51 -10.87 -23.95
CA ILE B 7 6.11 -10.89 -24.29
C ILE B 7 5.52 -12.20 -23.78
N VAL B 8 4.46 -12.12 -23.01
CA VAL B 8 3.72 -13.29 -22.55
C VAL B 8 2.45 -13.39 -23.38
N VAL B 9 2.28 -14.51 -24.08
CA VAL B 9 1.01 -14.78 -24.77
C VAL B 9 0.13 -15.55 -23.82
N GLY B 10 -1.05 -15.01 -23.51
CA GLY B 10 -1.96 -15.66 -22.57
C GLY B 10 -2.01 -14.99 -21.22
N ALA B 11 -3.20 -14.65 -20.71
CA ALA B 11 -3.29 -13.95 -19.42
C ALA B 11 -4.19 -14.69 -18.44
N GLY B 12 -4.17 -16.02 -18.45
CA GLY B 12 -4.85 -16.78 -17.43
C GLY B 12 -3.95 -16.82 -16.22
N LEU B 13 -4.17 -17.80 -15.35
CA LEU B 13 -3.35 -17.87 -14.15
C LEU B 13 -1.90 -18.02 -14.51
N PHE B 14 -1.60 -18.79 -15.55
CA PHE B 14 -0.22 -19.07 -15.88
C PHE B 14 0.45 -17.84 -16.51
N GLY B 15 -0.20 -17.22 -17.48
CA GLY B 15 0.38 -16.05 -18.11
C GLY B 15 0.39 -14.85 -17.19
N SER B 16 -0.61 -14.73 -16.31
CA SER B 16 -0.61 -13.62 -15.36
C SER B 16 0.53 -13.74 -14.38
N ILE B 17 0.68 -14.91 -13.77
CA ILE B 17 1.67 -15.09 -12.73
C ILE B 17 3.08 -15.04 -13.30
N ALA B 18 3.29 -15.62 -14.48
CA ALA B 18 4.63 -15.60 -15.05
C ALA B 18 5.05 -14.18 -15.44
N ALA B 19 4.14 -13.40 -16.01
CA ALA B 19 4.47 -12.03 -16.39
C ALA B 19 4.75 -11.16 -15.15
N LYS B 20 3.89 -11.22 -14.13
CA LYS B 20 4.09 -10.35 -12.98
C LYS B 20 5.35 -10.76 -12.22
N ALA B 21 5.68 -12.05 -12.22
CA ALA B 21 6.93 -12.46 -11.58
C ALA B 21 8.12 -11.83 -12.30
N LEU B 22 8.08 -11.80 -13.63
CA LEU B 22 9.17 -11.18 -14.38
C LEU B 22 9.19 -9.66 -14.15
N ALA B 23 8.02 -9.04 -14.15
CA ALA B 23 7.95 -7.59 -13.95
C ALA B 23 8.47 -7.21 -12.57
N GLN B 24 8.15 -8.01 -11.54
CA GLN B 24 8.57 -7.71 -10.17
C GLN B 24 10.02 -8.08 -9.90
N ALA B 25 10.69 -8.72 -10.87
CA ALA B 25 12.11 -9.00 -10.75
C ALA B 25 12.93 -7.99 -11.55
N GLY B 26 12.28 -7.00 -12.15
CA GLY B 26 12.94 -5.92 -12.85
C GLY B 26 12.74 -5.88 -14.36
N LEU B 27 12.12 -6.89 -14.99
CA LEU B 27 12.05 -6.97 -16.44
C LEU B 27 10.86 -6.19 -17.00
N ALA B 28 10.99 -5.76 -18.25
CA ALA B 28 9.92 -5.08 -18.97
C ALA B 28 9.12 -6.14 -19.72
N VAL B 29 7.85 -6.34 -19.32
CA VAL B 29 7.01 -7.42 -19.86
C VAL B 29 5.74 -6.82 -20.44
N VAL B 30 5.25 -7.41 -21.53
CA VAL B 30 3.97 -7.03 -22.12
C VAL B 30 3.16 -8.29 -22.38
N GLY B 31 1.84 -8.19 -22.21
CA GLY B 31 1.03 -9.38 -22.40
C GLY B 31 0.07 -9.19 -23.56
N VAL B 32 -0.39 -10.31 -24.12
CA VAL B 32 -1.39 -10.34 -25.18
C VAL B 32 -2.37 -11.47 -24.90
N ASP B 33 -3.65 -11.16 -24.87
CA ASP B 33 -4.70 -12.16 -24.65
C ASP B 33 -5.92 -11.75 -25.46
N ASP B 34 -6.52 -12.70 -26.19
CA ASP B 34 -7.65 -12.33 -27.02
C ASP B 34 -8.99 -12.56 -26.31
N SER B 35 -8.96 -12.89 -25.01
CA SER B 35 -10.17 -13.03 -24.21
C SER B 35 -11.15 -13.99 -24.85
N ARG B 36 -10.62 -15.09 -25.33
CA ARG B 36 -11.46 -16.06 -25.97
C ARG B 36 -12.29 -16.84 -24.94
N PRO B 37 -13.51 -17.24 -25.30
CA PRO B 37 -14.35 -17.94 -24.33
C PRO B 37 -13.78 -19.31 -24.00
N GLY B 38 -14.17 -19.82 -22.83
CA GLY B 38 -13.77 -21.15 -22.46
C GLY B 38 -12.45 -21.23 -21.74
N ALA B 39 -11.84 -20.10 -21.43
CA ALA B 39 -10.54 -20.11 -20.75
C ALA B 39 -10.63 -20.88 -19.44
N GLY B 40 -9.58 -21.62 -19.13
CA GLY B 40 -9.72 -22.43 -17.93
C GLY B 40 -9.53 -21.69 -16.62
N SER B 41 -9.11 -20.43 -16.66
CA SER B 41 -8.78 -19.68 -15.46
C SER B 41 -9.97 -18.90 -14.92
N LEU B 42 -11.04 -18.79 -15.71
CA LEU B 42 -12.17 -17.98 -15.32
C LEU B 42 -12.92 -18.61 -14.16
N PRO B 43 -13.18 -19.92 -14.15
CA PRO B 43 -13.84 -20.50 -12.99
C PRO B 43 -12.90 -20.77 -11.83
N ALA B 44 -11.61 -20.45 -11.96
CA ALA B 44 -10.66 -20.87 -10.94
C ALA B 44 -10.89 -20.19 -9.59
N ALA B 45 -10.63 -20.96 -8.54
CA ALA B 45 -10.73 -20.50 -7.17
C ALA B 45 -9.35 -20.31 -6.58
N CYS B 46 -8.32 -20.87 -7.21
CA CYS B 46 -6.94 -20.71 -6.75
C CYS B 46 -6.76 -21.34 -5.37
N LEU B 47 -7.45 -22.46 -5.13
CA LEU B 47 -7.25 -23.21 -3.91
C LEU B 47 -6.09 -24.18 -4.11
N MET B 48 -5.21 -24.24 -3.12
CA MET B 48 -3.96 -25.01 -3.18
C MET B 48 -3.86 -25.87 -1.92
N LYS B 49 -4.23 -27.14 -2.01
CA LYS B 49 -4.23 -28.01 -0.85
C LYS B 49 -3.02 -28.93 -0.88
N PRO B 50 -2.22 -28.98 0.20
CA PRO B 50 -1.00 -29.81 0.19
C PRO B 50 -1.22 -31.20 -0.32
N SER B 51 -2.33 -31.81 0.11
CA SER B 51 -2.66 -33.16 -0.32
C SER B 51 -2.76 -33.27 -1.83
N TRP B 52 -3.23 -32.20 -2.49
CA TRP B 52 -3.43 -32.25 -3.93
C TRP B 52 -2.12 -32.05 -4.69
N PHE B 53 -1.20 -31.24 -4.16
CA PHE B 53 0.00 -30.85 -4.89
C PHE B 53 1.30 -31.50 -4.40
N SER B 54 1.28 -32.26 -3.28
CA SER B 54 2.52 -32.80 -2.72
C SER B 54 3.30 -33.65 -3.72
N SER B 55 2.65 -34.21 -4.74
CA SER B 55 3.38 -35.02 -5.71
C SER B 55 4.50 -34.24 -6.38
N MET B 56 4.48 -32.91 -6.28
CA MET B 56 5.47 -32.05 -6.94
C MET B 56 6.85 -32.19 -6.30
N GLY B 57 6.90 -32.19 -4.96
CA GLY B 57 8.14 -32.22 -4.20
C GLY B 57 8.43 -30.87 -3.56
N LYS B 58 9.05 -30.84 -2.36
CA LYS B 58 9.38 -29.56 -1.76
C LYS B 58 10.20 -28.70 -2.71
N ASP B 59 10.96 -29.34 -3.63
CA ASP B 59 11.74 -28.62 -4.63
C ASP B 59 10.87 -27.70 -5.47
N LYS B 60 9.55 -27.90 -5.43
CA LYS B 60 8.66 -27.12 -6.29
C LYS B 60 7.61 -26.31 -5.51
N PHE B 61 6.98 -26.83 -4.45
CA PHE B 61 5.88 -26.04 -3.83
C PHE B 61 6.40 -24.77 -3.17
N GLU B 62 7.33 -24.93 -2.21
CA GLU B 62 7.81 -23.78 -1.45
C GLU B 62 8.38 -22.71 -2.38
N PRO B 63 9.10 -23.05 -3.46
CA PRO B 63 9.44 -21.99 -4.44
C PRO B 63 8.19 -21.24 -4.90
N SER B 64 7.12 -21.99 -5.20
CA SER B 64 5.86 -21.42 -5.68
C SER B 64 5.18 -20.58 -4.59
N LEU B 65 5.03 -21.12 -3.37
CA LEU B 65 4.33 -20.38 -2.33
C LEU B 65 5.06 -19.09 -1.95
N GLU B 66 6.39 -19.08 -2.00
CA GLU B 66 7.11 -17.85 -1.67
C GLU B 66 6.81 -16.80 -2.73
N LEU B 67 6.82 -17.21 -4.01
CA LEU B 67 6.52 -16.27 -5.08
C LEU B 67 5.11 -15.70 -4.92
N LEU B 68 4.14 -16.56 -4.59
CA LEU B 68 2.75 -16.10 -4.49
C LEU B 68 2.54 -15.24 -3.24
N ASP B 69 3.12 -15.63 -2.11
CA ASP B 69 2.97 -14.81 -0.90
C ASP B 69 3.66 -13.46 -1.07
N ARG B 70 4.82 -13.47 -1.72
CA ARG B 70 5.53 -12.24 -2.00
C ARG B 70 4.78 -11.37 -2.98
N ILE B 71 4.34 -11.97 -4.09
CA ILE B 71 3.76 -11.16 -5.13
C ILE B 71 2.30 -10.87 -4.84
N TYR B 72 1.55 -11.88 -4.40
CA TYR B 72 0.10 -11.75 -4.25
C TYR B 72 -0.34 -11.85 -2.81
N GLY B 73 0.29 -12.73 -2.03
CA GLY B 73 -0.18 -12.96 -0.69
C GLY B 73 -0.92 -14.28 -0.68
N VAL B 74 -0.39 -15.25 0.05
CA VAL B 74 -1.04 -16.55 0.21
C VAL B 74 -1.74 -16.53 1.56
N LYS B 75 -3.07 -16.46 1.56
CA LYS B 75 -3.81 -16.58 2.80
C LYS B 75 -4.14 -18.06 2.98
N ASP B 76 -4.07 -18.53 4.21
CA ASP B 76 -4.41 -19.92 4.49
C ASP B 76 -5.84 -20.00 5.02
N ILE B 77 -6.58 -20.97 4.49
CA ILE B 77 -7.95 -21.23 4.90
C ILE B 77 -8.05 -22.65 5.43
N SER B 78 -8.76 -22.80 6.56
CA SER B 78 -9.09 -24.10 7.15
C SER B 78 -10.49 -24.53 6.74
N PHE B 79 -10.56 -25.70 6.10
CA PHE B 79 -11.78 -26.27 5.53
C PHE B 79 -12.26 -27.41 6.39
N LYS B 80 -13.58 -27.56 6.48
CA LYS B 80 -14.15 -28.71 7.18
C LYS B 80 -14.07 -29.90 6.24
N VAL B 81 -13.19 -30.85 6.56
CA VAL B 81 -13.06 -32.10 5.80
C VAL B 81 -13.60 -33.19 6.71
N GLY B 82 -14.89 -33.45 6.60
CA GLY B 82 -15.52 -34.40 7.49
C GLY B 82 -15.68 -33.77 8.86
N LEU B 83 -15.37 -34.54 9.90
CA LEU B 83 -15.41 -33.94 11.23
C LEU B 83 -14.07 -33.29 11.54
N LEU B 84 -13.05 -33.62 10.77
CA LEU B 84 -11.72 -33.10 11.00
C LEU B 84 -11.56 -31.79 10.24
N ARG B 85 -10.38 -31.19 10.35
CA ARG B 85 -10.15 -29.93 9.67
C ARG B 85 -8.86 -30.00 8.89
N ALA B 86 -8.84 -29.32 7.75
CA ALA B 86 -7.67 -29.27 6.88
C ALA B 86 -7.49 -27.85 6.39
N THR B 87 -6.24 -27.44 6.28
CA THR B 87 -5.89 -26.08 5.89
C THR B 87 -5.50 -26.08 4.42
N VAL B 88 -6.05 -25.13 3.66
CA VAL B 88 -5.76 -25.00 2.24
C VAL B 88 -5.22 -23.62 1.95
N HIS B 89 -4.18 -23.54 1.12
CA HIS B 89 -3.63 -22.25 0.72
C HIS B 89 -4.52 -21.62 -0.35
N TRP B 90 -4.58 -20.29 -0.35
CA TRP B 90 -5.45 -19.56 -1.25
C TRP B 90 -4.81 -18.26 -1.68
N CYS B 91 -4.98 -17.94 -2.97
CA CYS B 91 -4.65 -16.63 -3.53
C CYS B 91 -5.94 -16.09 -4.10
N ASP B 92 -6.15 -14.79 -4.00
CA ASP B 92 -7.41 -14.31 -4.50
C ASP B 92 -7.38 -14.33 -6.03
N PRO B 93 -8.27 -15.10 -6.69
CA PRO B 93 -8.25 -15.12 -8.16
C PRO B 93 -8.49 -13.76 -8.80
N ALA B 94 -9.33 -12.92 -8.20
CA ALA B 94 -9.53 -11.59 -8.78
C ALA B 94 -8.28 -10.74 -8.62
N GLN B 95 -7.45 -11.08 -7.65
CA GLN B 95 -6.26 -10.28 -7.45
C GLN B 95 -5.22 -10.63 -8.50
N ILE B 96 -5.12 -11.91 -8.87
CA ILE B 96 -4.12 -12.35 -9.84
C ILE B 96 -4.52 -11.97 -11.26
N LEU B 97 -5.76 -12.25 -11.63
CA LEU B 97 -6.18 -12.03 -12.99
C LEU B 97 -6.60 -10.60 -13.22
N GLY B 98 -6.65 -9.79 -12.15
CA GLY B 98 -7.04 -8.40 -12.30
C GLY B 98 -5.89 -7.45 -12.13
N ASP B 99 -4.75 -7.95 -11.66
CA ASP B 99 -3.62 -7.08 -11.43
C ASP B 99 -3.28 -6.41 -12.74
N GLU B 100 -2.94 -5.13 -12.65
CA GLU B 100 -2.72 -4.37 -13.86
C GLU B 100 -1.27 -3.91 -14.01
N GLU B 101 -0.35 -4.48 -13.21
CA GLU B 101 1.04 -4.08 -13.29
C GLU B 101 1.63 -4.31 -14.67
N VAL B 102 1.27 -5.42 -15.32
CA VAL B 102 1.78 -5.75 -16.65
C VAL B 102 0.70 -5.34 -17.70
N PRO B 103 1.05 -4.48 -18.64
CA PRO B 103 0.05 -4.10 -19.65
C PRO B 103 -0.30 -5.27 -20.54
N VAL B 104 -1.57 -5.36 -20.95
CA VAL B 104 -2.01 -6.49 -21.74
C VAL B 104 -2.83 -6.03 -22.96
N TYR B 105 -2.31 -6.33 -24.16
CA TYR B 105 -3.00 -6.08 -25.42
C TYR B 105 -4.10 -7.09 -25.65
N ARG B 106 -5.29 -6.60 -25.98
N ARG B 106 -5.30 -6.62 -25.97
CA ARG B 106 -6.41 -7.50 -26.27
CA ARG B 106 -6.40 -7.51 -26.27
C ARG B 106 -6.42 -7.78 -27.77
C ARG B 106 -6.42 -7.79 -27.77
N GLU B 107 -5.48 -8.64 -28.20
CA GLU B 107 -5.31 -9.02 -29.59
C GLU B 107 -5.12 -10.53 -29.67
N LYS B 108 -5.18 -11.08 -30.89
CA LYS B 108 -4.94 -12.51 -31.12
C LYS B 108 -3.57 -12.70 -31.76
N VAL B 109 -2.72 -13.48 -31.09
CA VAL B 109 -1.43 -13.84 -31.63
C VAL B 109 -1.60 -14.79 -32.81
N THR B 110 -1.04 -14.41 -33.96
CA THR B 110 -1.18 -15.19 -35.20
C THR B 110 0.09 -15.94 -35.61
N ALA B 111 1.27 -15.52 -35.17
CA ALA B 111 2.50 -16.19 -35.60
C ALA B 111 3.61 -15.76 -34.66
N LEU B 112 4.71 -16.52 -34.68
CA LEU B 112 5.81 -16.24 -33.77
C LEU B 112 7.10 -16.41 -34.56
N THR B 113 7.69 -15.31 -35.02
CA THR B 113 8.87 -15.40 -35.87
C THR B 113 10.12 -14.94 -35.18
N ARG B 114 11.22 -15.61 -35.47
CA ARG B 114 12.47 -15.19 -34.86
C ARG B 114 13.17 -14.13 -35.71
N THR B 115 13.90 -13.26 -35.03
CA THR B 115 14.66 -12.18 -35.64
C THR B 115 16.07 -12.16 -35.08
N SER B 116 16.87 -11.25 -35.65
CA SER B 116 18.27 -11.05 -35.29
C SER B 116 18.43 -10.78 -33.80
N SER B 117 17.65 -9.83 -33.27
CA SER B 117 17.71 -9.53 -31.85
C SER B 117 16.81 -10.41 -30.98
N GLY B 118 15.92 -11.23 -31.58
CA GLY B 118 15.08 -12.11 -30.78
C GLY B 118 13.76 -12.50 -31.46
N TRP B 119 12.64 -12.48 -30.74
CA TRP B 119 11.39 -12.96 -31.31
C TRP B 119 10.41 -11.83 -31.64
N ALA B 120 9.57 -12.07 -32.67
CA ALA B 120 8.56 -11.11 -33.12
C ALA B 120 7.18 -11.77 -33.19
N VAL B 121 6.22 -11.22 -32.43
CA VAL B 121 4.86 -11.74 -32.30
C VAL B 121 3.91 -10.98 -33.21
N SER B 122 3.23 -11.69 -34.11
CA SER B 122 2.29 -11.09 -35.05
C SER B 122 0.86 -11.13 -34.51
N LEU B 123 0.09 -10.07 -34.80
CA LEU B 123 -1.26 -9.88 -34.28
C LEU B 123 -2.25 -9.71 -35.42
N GLU B 124 -3.40 -10.37 -35.30
CA GLU B 124 -4.40 -10.30 -36.36
C GLU B 124 -4.82 -8.87 -36.62
N GLY B 125 -4.86 -8.50 -37.89
CA GLY B 125 -5.29 -7.18 -38.28
C GLY B 125 -4.27 -6.09 -37.99
N ARG B 126 -3.05 -6.45 -37.66
CA ARG B 126 -2.00 -5.47 -37.37
C ARG B 126 -0.78 -5.84 -38.19
N GLU B 127 -0.42 -4.99 -39.15
CA GLU B 127 0.80 -5.19 -39.92
C GLU B 127 2.00 -5.05 -39.00
N ALA B 128 1.82 -4.37 -37.89
CA ALA B 128 2.90 -4.28 -36.92
C ALA B 128 2.94 -5.55 -36.08
N ALA B 129 4.15 -5.89 -35.65
CA ALA B 129 4.30 -7.05 -34.79
C ALA B 129 5.14 -6.60 -33.60
N LEU B 130 4.81 -7.17 -32.46
CA LEU B 130 5.50 -6.86 -31.22
C LEU B 130 6.83 -7.61 -31.19
N GLU B 131 7.77 -7.10 -30.42
CA GLU B 131 9.08 -7.74 -30.41
C GLU B 131 9.65 -7.74 -29.01
N ALA B 132 10.32 -8.84 -28.68
CA ALA B 132 11.00 -8.94 -27.40
C ALA B 132 12.09 -10.00 -27.53
N ARG B 133 13.01 -9.97 -26.56
CA ARG B 133 14.07 -10.97 -26.51
C ARG B 133 13.51 -12.34 -26.13
N SER B 134 12.66 -12.38 -25.10
CA SER B 134 12.09 -13.61 -24.58
C SER B 134 10.57 -13.61 -24.74
N VAL B 135 10.03 -14.77 -25.13
CA VAL B 135 8.59 -14.94 -25.31
C VAL B 135 8.10 -16.15 -24.54
N VAL B 136 7.07 -15.97 -23.72
CA VAL B 136 6.40 -17.06 -23.01
C VAL B 136 5.03 -17.26 -23.61
N VAL B 137 4.74 -18.48 -24.06
CA VAL B 137 3.42 -18.84 -24.57
C VAL B 137 2.71 -19.62 -23.47
N ALA B 138 1.81 -18.94 -22.74
CA ALA B 138 0.96 -19.57 -21.74
C ALA B 138 -0.48 -19.53 -22.23
N ALA B 139 -0.79 -20.19 -23.34
CA ALA B 139 -2.09 -20.10 -23.98
C ALA B 139 -2.98 -21.29 -23.62
N GLY B 140 -2.72 -21.92 -22.47
CA GLY B 140 -3.58 -23.00 -22.01
C GLY B 140 -3.79 -24.07 -23.05
N VAL B 141 -5.03 -24.49 -23.22
CA VAL B 141 -5.32 -25.58 -24.14
C VAL B 141 -5.10 -25.18 -25.60
N TRP B 142 -4.86 -23.90 -25.87
CA TRP B 142 -4.63 -23.45 -27.24
C TRP B 142 -3.16 -23.27 -27.56
N THR B 143 -2.27 -23.66 -26.64
CA THR B 143 -0.84 -23.47 -26.82
C THR B 143 -0.30 -24.23 -28.03
N SER B 144 -0.86 -25.38 -28.32
CA SER B 144 -0.43 -26.13 -29.47
C SER B 144 -0.89 -25.47 -30.77
N GLU B 145 -1.55 -24.32 -30.71
CA GLU B 145 -1.86 -23.62 -31.94
C GLU B 145 -0.76 -22.66 -32.34
N LEU B 146 0.19 -22.37 -31.45
CA LEU B 146 1.24 -21.41 -31.74
C LEU B 146 2.63 -22.03 -31.66
N VAL B 147 2.78 -23.04 -30.82
CA VAL B 147 4.04 -23.74 -30.58
C VAL B 147 3.87 -25.24 -30.81
N ARG B 148 4.93 -25.87 -31.32
CA ARG B 148 4.97 -27.29 -31.66
C ARG B 148 6.04 -27.97 -30.83
N SER B 149 5.83 -29.24 -30.52
CA SER B 149 6.81 -30.00 -29.74
C SER B 149 6.30 -31.43 -29.59
N GLN B 150 7.13 -32.28 -28.99
CA GLN B 150 6.69 -33.63 -28.71
C GLN B 150 5.72 -33.62 -27.54
N ALA B 151 6.10 -32.95 -26.45
CA ALA B 151 5.18 -32.83 -25.33
C ALA B 151 3.89 -32.17 -25.80
N LEU B 152 3.98 -31.14 -26.65
CA LEU B 152 2.73 -30.50 -27.05
C LEU B 152 1.85 -31.41 -27.88
N GLY B 153 2.32 -32.62 -28.19
CA GLY B 153 1.46 -33.52 -28.91
C GLY B 153 0.39 -34.17 -28.07
N GLY B 154 0.60 -34.26 -26.76
CA GLY B 154 -0.38 -34.79 -25.84
C GLY B 154 -1.31 -33.77 -25.23
N LEU B 155 -1.32 -32.53 -25.73
CA LEU B 155 -2.14 -31.49 -25.13
C LEU B 155 -3.60 -31.77 -25.43
N VAL B 156 -4.39 -31.92 -24.37
CA VAL B 156 -5.81 -32.15 -24.48
C VAL B 156 -6.53 -31.21 -23.51
N GLY B 157 -7.83 -31.11 -23.68
CA GLY B 157 -8.60 -30.26 -22.80
C GLY B 157 -9.53 -31.07 -21.93
N ARG B 158 -9.56 -30.75 -20.63
CA ARG B 158 -10.53 -31.33 -19.69
C ARG B 158 -11.30 -30.17 -19.06
N ALA B 159 -12.56 -30.03 -19.44
CA ALA B 159 -13.41 -28.93 -19.01
C ALA B 159 -14.05 -29.21 -17.65
N GLY B 160 -14.49 -28.13 -17.03
CA GLY B 160 -15.21 -28.18 -15.77
C GLY B 160 -15.98 -26.90 -15.57
N VAL B 161 -16.80 -26.90 -14.54
CA VAL B 161 -17.67 -25.78 -14.21
C VAL B 161 -17.57 -25.52 -12.72
N ALA B 162 -17.72 -24.27 -12.35
CA ALA B 162 -17.81 -23.84 -10.96
C ALA B 162 -18.95 -22.85 -10.90
N PHE B 163 -19.52 -22.70 -9.71
CA PHE B 163 -20.69 -21.85 -9.53
C PHE B 163 -20.42 -20.81 -8.44
N ARG B 164 -20.74 -19.55 -8.73
CA ARG B 164 -20.48 -18.46 -7.79
C ARG B 164 -21.81 -17.78 -7.42
N TRP B 165 -22.19 -17.86 -6.17
CA TRP B 165 -23.43 -17.24 -5.70
C TRP B 165 -23.15 -15.83 -5.16
N GLN B 166 -24.08 -14.91 -5.44
CA GLN B 166 -23.96 -13.52 -5.02
C GLN B 166 -24.63 -13.32 -3.66
N ASP B 167 -24.12 -12.35 -2.91
CA ASP B 167 -24.67 -11.95 -1.61
C ASP B 167 -24.88 -13.18 -0.71
N MET B 168 -23.79 -13.94 -0.50
CA MET B 168 -23.91 -15.13 0.32
C MET B 168 -22.57 -15.42 0.97
N GLN B 169 -22.61 -16.00 2.15
CA GLN B 169 -21.39 -16.42 2.81
C GLN B 169 -21.67 -17.73 3.51
N LEU B 170 -20.67 -18.60 3.56
CA LEU B 170 -20.78 -19.90 4.18
C LEU B 170 -20.22 -19.80 5.59
N GLU B 171 -20.98 -20.30 6.56
CA GLU B 171 -20.44 -20.31 7.92
C GLU B 171 -19.30 -21.31 8.04
N GLU B 172 -19.39 -22.43 7.32
CA GLU B 172 -18.33 -23.44 7.29
C GLU B 172 -17.93 -23.69 5.84
N GLN B 173 -16.64 -23.56 5.56
CA GLN B 173 -16.09 -23.90 4.27
C GLN B 173 -15.62 -25.36 4.33
N PHE B 174 -15.88 -26.12 3.26
CA PHE B 174 -15.79 -27.58 3.34
C PHE B 174 -15.16 -28.16 2.08
N ILE B 175 -14.68 -29.40 2.22
CA ILE B 175 -14.21 -30.25 1.12
C ILE B 175 -14.87 -31.60 1.34
N SER B 176 -15.87 -31.93 0.52
CA SER B 176 -16.61 -33.17 0.73
C SER B 176 -16.35 -34.16 -0.41
N PRO B 177 -15.56 -35.21 -0.19
CA PRO B 177 -15.32 -36.20 -1.26
C PRO B 177 -16.57 -37.00 -1.59
N TRP B 178 -16.84 -37.14 -2.89
CA TRP B 178 -17.99 -37.90 -3.38
C TRP B 178 -17.59 -39.00 -4.35
N ALA B 179 -16.34 -39.01 -4.85
CA ALA B 179 -15.87 -40.04 -5.77
C ALA B 179 -14.34 -40.10 -5.80
N PRO B 180 -13.74 -41.17 -6.32
CA PRO B 180 -12.28 -41.18 -6.49
C PRO B 180 -11.85 -39.99 -7.32
N TYR B 181 -10.91 -39.21 -6.81
CA TYR B 181 -10.37 -38.06 -7.52
C TYR B 181 -11.41 -36.96 -7.72
N ARG B 182 -12.49 -36.95 -6.94
CA ARG B 182 -13.53 -35.95 -7.09
C ARG B 182 -13.97 -35.53 -5.69
N GLN B 183 -14.07 -34.23 -5.44
CA GLN B 183 -14.55 -33.74 -4.15
C GLN B 183 -15.33 -32.45 -4.37
N THR B 184 -16.44 -32.30 -3.66
CA THR B 184 -17.20 -31.05 -3.75
C THR B 184 -16.63 -30.06 -2.76
N VAL B 185 -16.23 -28.90 -3.23
CA VAL B 185 -15.55 -27.91 -2.42
C VAL B 185 -16.36 -26.62 -2.41
N GLY B 186 -16.70 -26.14 -1.22
CA GLY B 186 -17.44 -24.89 -1.07
C GLY B 186 -16.70 -23.93 -0.16
N PHE B 187 -16.62 -22.67 -0.58
CA PHE B 187 -15.93 -21.68 0.25
C PHE B 187 -16.36 -20.28 -0.19
N ASN B 188 -15.87 -19.30 0.57
CA ASN B 188 -16.13 -17.88 0.33
C ASN B 188 -14.97 -17.33 -0.49
N ILE B 189 -15.21 -17.10 -1.77
CA ILE B 189 -14.15 -16.64 -2.66
C ILE B 189 -13.97 -15.15 -2.51
N SER B 190 -14.96 -14.49 -1.98
CA SER B 190 -15.02 -13.04 -1.72
C SER B 190 -15.78 -12.85 -0.42
N PRO B 191 -15.66 -11.67 0.20
CA PRO B 191 -16.45 -11.42 1.42
C PRO B 191 -17.95 -11.36 1.17
N THR B 192 -18.36 -11.56 -0.07
CA THR B 192 -19.79 -11.54 -0.38
C THR B 192 -20.22 -12.67 -1.30
N GLU B 193 -19.35 -13.63 -1.63
CA GLU B 193 -19.64 -14.65 -2.65
C GLU B 193 -19.19 -16.04 -2.23
N VAL B 194 -19.96 -17.05 -2.65
CA VAL B 194 -19.65 -18.46 -2.40
C VAL B 194 -19.34 -19.18 -3.72
N TRP B 195 -18.25 -19.94 -3.72
CA TRP B 195 -17.79 -20.70 -4.88
C TRP B 195 -17.89 -22.17 -4.53
N VAL B 196 -18.50 -22.96 -5.42
CA VAL B 196 -18.61 -24.41 -5.27
C VAL B 196 -18.28 -25.09 -6.60
N GLY B 197 -17.52 -26.18 -6.51
CA GLY B 197 -17.25 -27.01 -7.67
C GLY B 197 -17.05 -28.44 -7.20
N ASP B 198 -17.30 -29.40 -8.10
CA ASP B 198 -17.25 -30.82 -7.75
C ASP B 198 -16.08 -31.55 -8.40
N GLY B 199 -15.20 -30.84 -9.09
CA GLY B 199 -14.03 -31.47 -9.63
C GLY B 199 -14.26 -32.19 -10.93
N SER B 200 -15.42 -32.01 -11.57
CA SER B 200 -15.70 -32.71 -12.82
C SER B 200 -14.74 -32.23 -13.88
N ALA B 201 -14.16 -33.19 -14.58
CA ALA B 201 -13.20 -32.92 -15.65
C ALA B 201 -13.57 -33.72 -16.88
N ILE B 202 -14.22 -33.07 -17.85
CA ILE B 202 -14.70 -33.76 -19.05
C ILE B 202 -14.20 -33.07 -20.32
N LYS B 203 -13.97 -33.87 -21.36
CA LYS B 203 -13.58 -33.35 -22.65
C LYS B 203 -14.67 -32.42 -23.19
N PRO B 204 -14.30 -31.19 -23.62
CA PRO B 204 -15.31 -30.19 -23.99
C PRO B 204 -16.38 -30.66 -24.96
N GLU B 205 -16.07 -31.61 -25.85
CA GLU B 205 -17.08 -32.06 -26.80
C GLU B 205 -18.09 -32.99 -26.14
N ASN B 206 -17.77 -33.48 -24.94
CA ASN B 206 -18.68 -34.32 -24.17
C ASN B 206 -19.39 -33.54 -23.09
N TRP B 207 -19.16 -32.25 -23.01
CA TRP B 207 -19.84 -31.45 -22.02
C TRP B 207 -21.16 -30.98 -22.59
N ASN B 208 -22.14 -30.77 -21.72
CA ASN B 208 -23.44 -30.33 -22.21
C ASN B 208 -24.18 -29.69 -21.04
N GLN B 209 -25.29 -29.04 -21.36
CA GLN B 209 -26.07 -28.40 -20.32
C GLN B 209 -26.63 -29.44 -19.36
N ASP B 210 -26.93 -30.64 -19.83
CA ASP B 210 -27.45 -31.64 -18.89
C ASP B 210 -26.37 -32.14 -17.95
N ARG B 211 -25.17 -32.41 -18.46
CA ARG B 211 -24.10 -32.82 -17.57
C ARG B 211 -23.74 -31.67 -16.62
N GLN B 212 -23.86 -30.44 -17.09
CA GLN B 212 -23.64 -29.31 -16.19
C GLN B 212 -24.72 -29.24 -15.12
N ASN B 213 -25.95 -29.65 -15.44
CA ASN B 213 -27.00 -29.56 -14.43
C ASN B 213 -26.77 -30.56 -13.32
N VAL B 214 -26.14 -31.70 -13.63
CA VAL B 214 -25.82 -32.66 -12.58
C VAL B 214 -24.82 -32.06 -11.60
N SER B 215 -23.83 -31.31 -12.12
CA SER B 215 -22.87 -30.66 -11.23
C SER B 215 -23.48 -29.49 -10.49
N TYR B 216 -24.48 -28.83 -11.08
CA TYR B 216 -25.16 -27.78 -10.34
C TYR B 216 -25.87 -28.37 -9.14
N SER B 217 -26.59 -29.49 -9.33
CA SER B 217 -27.35 -30.09 -8.22
C SER B 217 -26.43 -30.55 -7.11
N ARG B 218 -25.32 -31.18 -7.47
CA ARG B 218 -24.36 -31.62 -6.44
C ARG B 218 -23.86 -30.41 -5.66
N CYS B 219 -23.52 -29.31 -6.35
CA CYS B 219 -22.96 -28.15 -5.69
C CYS B 219 -24.03 -27.39 -4.93
N ALA B 220 -25.20 -27.26 -5.52
CA ALA B 220 -26.27 -26.54 -4.87
C ALA B 220 -26.76 -27.30 -3.65
N GLN B 221 -26.91 -28.62 -3.76
CA GLN B 221 -27.36 -29.41 -2.61
C GLN B 221 -26.40 -29.25 -1.44
N ALA B 222 -25.11 -29.06 -1.73
CA ALA B 222 -24.08 -28.97 -0.70
C ALA B 222 -24.16 -27.69 0.11
N ILE B 223 -24.74 -26.62 -0.45
CA ILE B 223 -24.94 -25.37 0.28
C ILE B 223 -26.43 -25.11 0.45
N ASP B 224 -27.25 -26.14 0.24
CA ASP B 224 -28.68 -26.09 0.46
C ASP B 224 -29.33 -24.92 -0.27
N ARG B 225 -29.08 -24.83 -1.57
CA ARG B 225 -29.69 -23.84 -2.44
C ARG B 225 -30.41 -24.54 -3.58
N ALA B 226 -30.45 -25.86 -3.56
CA ALA B 226 -31.17 -26.61 -4.58
C ALA B 226 -32.67 -26.49 -4.36
N GLY B 227 -33.39 -26.19 -5.45
CA GLY B 227 -34.82 -26.02 -5.39
C GLY B 227 -35.31 -24.60 -5.58
N PHE B 228 -34.41 -23.61 -5.56
CA PHE B 228 -34.80 -22.20 -5.55
C PHE B 228 -34.66 -21.53 -6.90
N GLY B 229 -34.24 -22.26 -7.92
CA GLY B 229 -34.04 -21.69 -9.25
C GLY B 229 -33.12 -20.48 -9.29
N ASP B 230 -32.00 -20.54 -8.55
CA ASP B 230 -31.10 -19.39 -8.45
C ASP B 230 -30.50 -19.04 -9.81
N GLN B 231 -30.29 -20.03 -10.68
CA GLN B 231 -29.72 -19.73 -11.98
C GLN B 231 -30.63 -18.79 -12.75
N GLU B 232 -31.92 -19.13 -12.87
CA GLU B 232 -32.85 -18.35 -13.65
C GLU B 232 -33.17 -17.01 -13.00
N ALA B 233 -32.89 -16.84 -11.72
CA ALA B 233 -33.11 -15.58 -11.03
C ALA B 233 -31.92 -14.63 -11.08
N GLY B 234 -30.78 -15.08 -11.61
CA GLY B 234 -29.57 -14.28 -11.56
C GLY B 234 -28.90 -14.22 -10.21
N ARG B 235 -29.08 -15.25 -9.37
CA ARG B 235 -28.42 -15.29 -8.08
C ARG B 235 -27.17 -16.12 -8.07
N VAL B 236 -27.00 -17.02 -9.04
CA VAL B 236 -25.79 -17.83 -9.17
C VAL B 236 -25.30 -17.70 -10.59
N LYS B 237 -23.98 -17.62 -10.75
CA LYS B 237 -23.35 -17.59 -12.05
C LYS B 237 -22.59 -18.88 -12.31
N ALA B 238 -22.83 -19.50 -13.47
CA ALA B 238 -22.12 -20.72 -13.84
C ALA B 238 -20.88 -20.36 -14.65
N LEU B 239 -19.74 -20.93 -14.25
CA LEU B 239 -18.43 -20.58 -14.79
C LEU B 239 -17.80 -21.80 -15.46
N TYR B 240 -17.69 -21.76 -16.79
CA TYR B 240 -17.16 -22.86 -17.57
C TYR B 240 -15.73 -22.57 -18.02
N GLY B 241 -14.85 -23.59 -17.97
CA GLY B 241 -13.48 -23.41 -18.42
C GLY B 241 -12.84 -24.73 -18.79
N ILE B 242 -11.88 -24.66 -19.71
CA ILE B 242 -11.19 -25.86 -20.20
C ILE B 242 -9.80 -25.88 -19.57
N ARG B 243 -9.52 -26.93 -18.78
CA ARG B 243 -8.19 -27.05 -18.17
C ARG B 243 -7.22 -27.68 -19.18
N PRO B 244 -5.99 -27.18 -19.29
CA PRO B 244 -4.99 -27.84 -20.15
C PRO B 244 -4.33 -29.04 -19.47
N TYR B 245 -4.22 -30.15 -20.20
CA TYR B 245 -3.68 -31.42 -19.70
C TYR B 245 -2.73 -32.02 -20.70
N ILE B 246 -1.57 -32.48 -20.21
CA ILE B 246 -0.68 -33.31 -21.04
C ILE B 246 -0.25 -34.47 -20.14
N ALA B 247 -0.66 -35.70 -20.43
CA ALA B 247 -0.28 -36.83 -19.59
C ALA B 247 1.24 -37.01 -19.59
N GLY B 248 1.81 -37.11 -18.39
CA GLY B 248 3.25 -37.21 -18.24
C GLY B 248 3.75 -35.78 -18.07
N VAL B 249 3.45 -35.16 -16.94
CA VAL B 249 3.61 -33.73 -16.85
C VAL B 249 4.20 -33.21 -15.54
N PRO B 251 4.70 -31.55 -13.19
CA PRO B 251 3.64 -30.65 -12.69
C PRO B 251 2.94 -29.93 -13.85
N CYS B 252 3.72 -29.39 -14.76
CA CYS B 252 3.18 -28.80 -15.98
C CYS B 252 4.29 -28.86 -17.02
N LEU B 253 3.97 -28.43 -18.22
CA LEU B 253 4.97 -28.35 -19.28
C LEU B 253 5.54 -26.95 -19.30
N LEU B 254 6.85 -26.85 -19.04
CA LEU B 254 7.63 -25.63 -19.19
C LEU B 254 8.85 -26.02 -20.02
N GLU B 255 8.83 -25.76 -21.33
CA GLU B 255 9.88 -26.19 -22.23
C GLU B 255 10.25 -25.06 -23.18
N GLU B 256 11.55 -24.87 -23.41
CA GLU B 256 12.08 -23.90 -24.36
C GLU B 256 12.07 -24.55 -25.74
N VAL B 257 10.99 -24.30 -26.49
CA VAL B 257 10.73 -24.99 -27.75
C VAL B 257 11.76 -24.62 -28.80
N GLU B 258 12.10 -23.35 -28.88
CA GLU B 258 13.19 -22.78 -29.67
C GLU B 258 13.92 -21.88 -28.73
N PRO B 259 15.16 -21.48 -29.04
CA PRO B 259 15.90 -20.60 -28.12
C PRO B 259 15.15 -19.31 -27.84
N GLY B 260 14.82 -19.07 -26.57
CA GLY B 260 14.14 -17.85 -26.15
C GLY B 260 12.62 -17.92 -26.17
N LEU B 261 12.03 -19.00 -26.68
CA LEU B 261 10.58 -19.16 -26.77
C LEU B 261 10.12 -20.27 -25.84
N TRP B 262 9.37 -19.92 -24.81
CA TRP B 262 8.90 -20.89 -23.84
C TRP B 262 7.43 -21.23 -24.02
N ALA B 263 7.09 -22.49 -23.74
CA ALA B 263 5.73 -22.99 -23.71
C ALA B 263 5.43 -23.35 -22.28
N LEU B 264 4.30 -22.86 -21.80
CA LEU B 264 3.84 -23.02 -20.43
C LEU B 264 2.36 -23.40 -20.51
N THR B 265 2.05 -24.66 -20.23
CA THR B 265 0.67 -25.09 -20.33
C THR B 265 0.59 -26.40 -19.56
N GLY B 266 -0.56 -27.06 -19.60
CA GLY B 266 -0.64 -28.38 -19.01
C GLY B 266 -0.89 -28.42 -17.52
N GLY B 267 -1.39 -27.34 -16.92
CA GLY B 267 -1.49 -27.30 -15.47
C GLY B 267 -2.61 -28.12 -14.90
N ALA B 268 -3.58 -28.52 -15.72
CA ALA B 268 -4.69 -29.35 -15.28
C ALA B 268 -5.37 -28.85 -14.00
N LYS B 269 -5.30 -29.60 -12.91
CA LYS B 269 -6.05 -29.22 -11.70
C LYS B 269 -5.30 -28.23 -10.82
N ASN B 270 -4.19 -28.65 -10.21
CA ASN B 270 -3.41 -27.78 -9.31
C ASN B 270 -2.53 -26.84 -10.13
N GLY B 271 -3.15 -25.79 -10.67
CA GLY B 271 -2.54 -24.80 -11.55
C GLY B 271 -1.87 -23.62 -10.89
N THR B 272 -2.49 -22.99 -9.88
CA THR B 272 -1.89 -21.82 -9.24
C THR B 272 -0.54 -22.16 -8.64
N ILE B 273 -0.44 -23.34 -8.03
CA ILE B 273 0.80 -23.79 -7.45
C ILE B 273 1.77 -24.19 -8.55
N SER B 274 1.25 -24.78 -9.61
CA SER B 274 2.08 -25.18 -10.74
C SER B 274 2.59 -23.97 -11.50
N ALA B 275 1.80 -22.88 -11.53
CA ALA B 275 2.23 -21.66 -12.20
C ALA B 275 3.32 -20.96 -11.40
N GLY B 276 3.21 -20.96 -10.06
CA GLY B 276 4.27 -20.37 -9.24
C GLY B 276 5.61 -21.05 -9.46
N TRP B 277 5.63 -22.38 -9.58
CA TRP B 277 6.88 -23.06 -9.86
C TRP B 277 7.41 -22.59 -11.20
N ALA B 278 6.56 -22.58 -12.21
CA ALA B 278 7.02 -22.21 -13.53
C ALA B 278 7.52 -20.76 -13.53
N ALA B 279 6.88 -19.88 -12.75
CA ALA B 279 7.34 -18.50 -12.67
C ALA B 279 8.66 -18.40 -11.92
N SER B 280 8.79 -19.12 -10.81
CA SER B 280 10.08 -19.17 -10.11
C SER B 280 11.17 -19.66 -11.04
N GLU B 281 10.87 -20.68 -11.85
CA GLU B 281 11.88 -21.21 -12.74
C GLU B 281 12.18 -20.23 -13.87
N LEU B 282 11.17 -19.47 -14.32
CA LEU B 282 11.40 -18.54 -15.43
C LEU B 282 12.17 -17.31 -14.95
N VAL B 283 11.91 -16.86 -13.73
CA VAL B 283 12.67 -15.75 -13.19
C VAL B 283 14.07 -16.20 -12.86
N ARG B 284 14.25 -17.49 -12.58
CA ARG B 284 15.59 -18.00 -12.37
C ARG B 284 16.33 -18.09 -13.69
N ARG B 285 15.63 -18.46 -14.76
CA ARG B 285 16.34 -18.72 -16.00
C ARG B 285 16.30 -17.52 -16.92
N ILE B 286 15.59 -16.46 -16.51
CA ILE B 286 15.52 -15.21 -17.25
C ILE B 286 15.67 -14.10 -16.22
N LYS B 287 16.90 -13.66 -15.94
CA LYS B 287 17.21 -12.53 -15.01
C LYS B 287 18.69 -12.53 -14.62
N SER C 1 31.48 5.27 14.81
CA SER C 1 31.81 5.01 13.42
C SER C 1 30.59 5.01 12.51
N MET C 2 29.54 5.75 12.87
CA MET C 2 28.40 5.90 12.00
C MET C 2 28.66 7.07 11.05
N LYS C 3 28.51 6.83 9.75
CA LYS C 3 28.75 7.88 8.75
C LYS C 3 27.68 7.79 7.68
N THR C 4 26.88 8.84 7.56
CA THR C 4 25.80 8.87 6.58
C THR C 4 25.82 10.15 5.76
N ASP C 5 24.82 10.31 4.90
CA ASP C 5 24.69 11.50 4.09
C ASP C 5 24.21 12.69 4.91
N VAL C 6 23.14 12.52 5.67
CA VAL C 6 22.52 13.62 6.40
C VAL C 6 22.15 13.17 7.80
N ILE C 7 22.44 14.03 8.79
CA ILE C 7 21.94 13.88 10.14
C ILE C 7 21.00 15.03 10.43
N VAL C 8 19.75 14.72 10.77
CA VAL C 8 18.76 15.74 11.09
C VAL C 8 18.56 15.76 12.59
N VAL C 9 18.85 16.90 13.20
CA VAL C 9 18.62 17.10 14.64
C VAL C 9 17.20 17.62 14.83
N GLY C 10 16.38 16.90 15.59
CA GLY C 10 15.00 17.29 15.79
C GLY C 10 14.02 16.43 15.04
N ALA C 11 13.03 15.86 15.73
CA ALA C 11 12.07 14.99 15.06
C ALA C 11 10.62 15.42 15.29
N GLY C 12 10.38 16.72 15.37
CA GLY C 12 9.05 17.29 15.30
C GLY C 12 8.71 17.44 13.83
N LEU C 13 7.80 18.37 13.52
CA LEU C 13 7.33 18.48 12.14
C LEU C 13 8.45 18.83 11.14
N PHE C 14 9.39 19.71 11.50
CA PHE C 14 10.33 20.18 10.48
C PHE C 14 11.38 19.13 10.18
N GLY C 15 11.97 18.52 11.22
CA GLY C 15 12.93 17.48 10.97
C GLY C 15 12.29 16.22 10.43
N SER C 16 11.07 15.90 10.88
CA SER C 16 10.39 14.72 10.35
C SER C 16 10.15 14.85 8.87
N ILE C 17 9.62 16.00 8.45
CA ILE C 17 9.29 16.22 7.06
C ILE C 17 10.56 16.33 6.22
N ALA C 18 11.55 17.05 6.70
CA ALA C 18 12.78 17.22 5.93
C ALA C 18 13.57 15.92 5.87
N ALA C 19 13.62 15.16 6.98
CA ALA C 19 14.35 13.90 6.93
C ALA C 19 13.71 12.96 5.92
N LYS C 20 12.38 12.83 5.97
CA LYS C 20 11.71 11.91 5.07
C LYS C 20 11.78 12.40 3.62
N ALA C 21 11.75 13.71 3.39
CA ALA C 21 11.91 14.20 2.03
C ALA C 21 13.31 13.87 1.49
N LEU C 22 14.34 14.07 2.32
CA LEU C 22 15.70 13.78 1.89
C LEU C 22 15.91 12.29 1.70
N ALA C 23 15.29 11.47 2.57
CA ALA C 23 15.41 10.03 2.42
C ALA C 23 14.78 9.56 1.11
N GLN C 24 13.65 10.15 0.73
CA GLN C 24 12.99 9.73 -0.49
C GLN C 24 13.63 10.32 -1.73
N ALA C 25 14.64 11.16 -1.57
CA ALA C 25 15.38 11.70 -2.69
C ALA C 25 16.69 10.95 -2.91
N GLY C 26 16.90 9.85 -2.17
CA GLY C 26 18.02 8.96 -2.36
C GLY C 26 19.06 9.03 -1.24
N LEU C 27 18.95 10.01 -0.35
CA LEU C 27 20.01 10.26 0.63
C LEU C 27 19.79 9.36 1.84
N ALA C 28 20.87 9.00 2.50
CA ALA C 28 20.81 8.20 3.71
C ALA C 28 20.77 9.15 4.90
N VAL C 29 19.65 9.18 5.61
CA VAL C 29 19.37 10.15 6.65
C VAL C 29 19.07 9.45 7.96
N VAL C 30 19.53 10.03 9.06
CA VAL C 30 19.12 9.57 10.38
C VAL C 30 18.80 10.78 11.23
N GLY C 31 17.92 10.58 12.20
CA GLY C 31 17.50 11.68 13.05
C GLY C 31 18.00 11.48 14.47
N VAL C 32 18.03 12.56 15.25
CA VAL C 32 18.34 12.49 16.68
C VAL C 32 17.38 13.42 17.42
N ASP C 33 16.66 12.90 18.40
CA ASP C 33 15.73 13.70 19.17
C ASP C 33 15.72 13.24 20.62
N ASP C 34 15.81 14.17 21.58
CA ASP C 34 15.88 13.75 22.99
C ASP C 34 14.50 13.73 23.66
N SER C 35 13.43 13.86 22.87
CA SER C 35 12.05 13.75 23.40
C SER C 35 11.82 14.66 24.59
N ARG C 36 12.42 15.84 24.56
CA ARG C 36 12.30 16.75 25.68
C ARG C 36 10.90 17.36 25.72
N PRO C 37 10.38 17.63 26.90
CA PRO C 37 9.01 18.14 27.00
C PRO C 37 8.91 19.55 26.47
N GLY C 38 7.71 19.94 26.07
CA GLY C 38 7.46 21.29 25.63
C GLY C 38 7.66 21.50 24.15
N ALA C 39 8.04 20.46 23.41
CA ALA C 39 8.20 20.59 21.98
C ALA C 39 6.90 21.06 21.35
N GLY C 40 7.02 21.86 20.30
CA GLY C 40 5.84 22.48 19.71
C GLY C 40 5.03 21.61 18.80
N SER C 41 5.48 20.40 18.49
CA SER C 41 4.78 19.56 17.52
C SER C 41 3.77 18.62 18.15
N LEU C 42 3.87 18.40 19.44
CA LEU C 42 3.02 17.41 20.09
C LEU C 42 1.58 17.88 20.10
N PRO C 43 1.30 19.16 20.35
CA PRO C 43 -0.09 19.63 20.26
C PRO C 43 -0.56 19.90 18.85
N ALA C 44 0.29 19.70 17.85
CA ALA C 44 -0.04 20.07 16.50
C ALA C 44 -1.14 19.22 15.88
N ALA C 45 -1.95 19.88 15.07
CA ALA C 45 -3.05 19.30 14.34
C ALA C 45 -2.73 19.23 12.84
N CYS C 46 -1.73 19.98 12.39
CA CYS C 46 -1.30 19.95 11.00
C CYS C 46 -2.41 20.41 10.07
N LEU C 47 -3.22 21.33 10.55
CA LEU C 47 -4.23 21.98 9.71
C LEU C 47 -3.54 23.11 8.95
N MET C 48 -3.85 23.25 7.68
CA MET C 48 -3.20 24.24 6.82
C MET C 48 -4.29 25.02 6.11
N LYS C 49 -4.65 26.18 6.64
CA LYS C 49 -5.76 26.89 6.03
C LYS C 49 -5.23 27.95 5.10
N PRO C 50 -5.63 27.92 3.82
CA PRO C 50 -5.16 28.90 2.84
C PRO C 50 -5.23 30.36 3.31
N SER C 51 -6.29 30.75 4.02
CA SER C 51 -6.36 32.13 4.49
C SER C 51 -5.16 32.47 5.37
N TRP C 52 -4.62 31.48 6.09
CA TRP C 52 -3.49 31.70 7.00
C TRP C 52 -2.14 31.69 6.28
N PHE C 53 -1.96 30.86 5.24
CA PHE C 53 -0.65 30.64 4.67
C PHE C 53 -0.41 31.35 3.33
N SER C 54 -1.44 31.93 2.71
CA SER C 54 -1.22 32.54 1.40
C SER C 54 -0.20 33.67 1.45
N SER C 55 0.01 34.29 2.61
CA SER C 55 1.00 35.36 2.70
C SER C 55 2.38 34.89 2.26
N MET C 56 2.58 33.57 2.24
CA MET C 56 3.86 32.97 1.84
C MET C 56 4.11 33.17 0.36
N GLY C 57 3.09 32.97 -0.45
CA GLY C 57 3.17 33.05 -1.88
C GLY C 57 3.02 31.68 -2.51
N LYS C 58 2.42 31.66 -3.72
CA LYS C 58 2.25 30.43 -4.47
C LYS C 58 3.58 29.73 -4.73
N ASP C 59 4.65 30.53 -4.88
CA ASP C 59 5.99 30.01 -5.11
C ASP C 59 6.47 29.13 -3.98
N LYS C 60 5.85 29.21 -2.81
CA LYS C 60 6.24 28.37 -1.68
C LYS C 60 5.13 27.41 -1.28
N PHE C 61 3.88 27.87 -1.15
CA PHE C 61 2.88 26.94 -0.62
C PHE C 61 2.53 25.86 -1.63
N GLU C 62 2.46 26.16 -2.94
CA GLU C 62 2.18 25.08 -3.89
C GLU C 62 3.29 24.03 -3.94
N PRO C 63 4.58 24.38 -4.02
CA PRO C 63 5.59 23.32 -3.90
C PRO C 63 5.39 22.51 -2.63
N SER C 64 5.10 23.22 -1.54
CA SER C 64 4.97 22.61 -0.22
C SER C 64 3.85 21.58 -0.19
N LEU C 65 2.67 21.95 -0.71
CA LEU C 65 1.55 21.02 -0.75
C LEU C 65 1.82 19.84 -1.68
N GLU C 66 2.60 20.07 -2.75
CA GLU C 66 2.91 18.97 -3.66
C GLU C 66 3.77 17.94 -2.95
N LEU C 67 4.76 18.41 -2.20
CA LEU C 67 5.60 17.50 -1.42
C LEU C 67 4.79 16.73 -0.38
N LEU C 68 3.91 17.42 0.36
CA LEU C 68 3.21 16.76 1.45
C LEU C 68 2.24 15.70 0.93
N ASP C 69 1.53 16.03 -0.15
CA ASP C 69 0.62 15.05 -0.72
C ASP C 69 1.39 13.89 -1.35
N ARG C 70 2.56 14.17 -1.92
CA ARG C 70 3.41 13.12 -2.47
C ARG C 70 3.91 12.19 -1.38
N ILE C 71 4.42 12.74 -0.29
CA ILE C 71 5.05 11.95 0.75
C ILE C 71 4.03 11.40 1.75
N TYR C 72 3.03 12.21 2.10
CA TYR C 72 2.11 11.87 3.18
C TYR C 72 0.66 11.75 2.73
N GLY C 73 0.20 12.62 1.84
CA GLY C 73 -1.21 12.62 1.55
C GLY C 73 -1.81 13.82 2.25
N VAL C 74 -2.32 14.76 1.45
CA VAL C 74 -3.03 15.95 1.92
C VAL C 74 -4.52 15.73 1.73
N LYS C 75 -5.24 15.61 2.83
CA LYS C 75 -6.70 15.49 2.85
C LYS C 75 -7.32 16.86 2.98
N ASP C 76 -8.49 17.05 2.40
CA ASP C 76 -9.21 18.29 2.60
C ASP C 76 -10.38 18.07 3.56
N ILE C 77 -10.55 19.00 4.50
CA ILE C 77 -11.62 18.96 5.49
C ILE C 77 -12.49 20.20 5.28
N SER C 78 -13.81 20.02 5.28
CA SER C 78 -14.71 21.16 5.21
C SER C 78 -15.18 21.53 6.61
N PHE C 79 -14.89 22.77 7.02
CA PHE C 79 -15.18 23.27 8.35
C PHE C 79 -16.32 24.27 8.27
N LYS C 80 -17.23 24.23 9.25
CA LYS C 80 -18.26 25.24 9.36
C LYS C 80 -17.68 26.50 9.99
N VAL C 81 -17.65 27.60 9.23
CA VAL C 81 -17.22 28.92 9.71
C VAL C 81 -18.41 29.86 9.70
N GLY C 82 -19.07 30.03 10.84
CA GLY C 82 -20.26 30.87 10.86
C GLY C 82 -21.38 30.10 10.18
N LEU C 83 -22.10 30.77 9.30
CA LEU C 83 -23.09 30.09 8.49
C LEU C 83 -22.48 29.54 7.21
N LEU C 84 -21.24 29.93 6.91
CA LEU C 84 -20.57 29.53 5.70
C LEU C 84 -19.74 28.26 5.95
N ARG C 85 -19.03 27.81 4.92
CA ARG C 85 -18.13 26.65 5.01
C ARG C 85 -16.78 27.00 4.38
N ALA C 86 -15.71 26.46 4.95
CA ALA C 86 -14.36 26.72 4.44
C ALA C 86 -13.53 25.45 4.42
N THR C 87 -12.68 25.34 3.41
CA THR C 87 -11.87 24.15 3.23
C THR C 87 -10.48 24.37 3.78
N VAL C 88 -10.03 23.43 4.60
CA VAL C 88 -8.71 23.42 5.19
C VAL C 88 -8.02 22.14 4.79
N HIS C 89 -6.77 22.25 4.37
CA HIS C 89 -5.94 21.09 4.05
C HIS C 89 -5.47 20.45 5.35
N TRP C 90 -5.21 19.14 5.30
CA TRP C 90 -4.82 18.43 6.50
C TRP C 90 -3.87 17.29 6.19
N CYS C 91 -2.87 17.10 7.06
CA CYS C 91 -2.04 15.91 7.08
C CYS C 91 -2.19 15.32 8.47
N ASP C 92 -2.21 14.01 8.57
CA ASP C 92 -2.35 13.34 9.86
C ASP C 92 -1.07 13.52 10.68
N PRO C 93 -1.12 14.22 11.82
CA PRO C 93 0.12 14.34 12.62
C PRO C 93 0.69 12.99 13.01
N ALA C 94 -0.18 11.99 13.27
CA ALA C 94 0.33 10.68 13.63
C ALA C 94 1.09 10.05 12.46
N GLN C 95 0.77 10.45 11.24
CA GLN C 95 1.48 9.91 10.11
C GLN C 95 2.86 10.57 9.97
N ILE C 96 2.94 11.89 10.22
CA ILE C 96 4.22 12.56 10.01
C ILE C 96 5.18 12.25 11.15
N LEU C 97 4.71 12.33 12.39
CA LEU C 97 5.59 12.15 13.52
C LEU C 97 5.74 10.69 13.91
N GLY C 98 4.97 9.79 13.31
CA GLY C 98 5.09 8.38 13.66
C GLY C 98 5.81 7.55 12.61
N ASP C 99 6.03 8.14 11.45
CA ASP C 99 6.68 7.43 10.36
C ASP C 99 8.07 6.95 10.79
N GLU C 100 8.38 5.73 10.39
CA GLU C 100 9.56 5.00 10.83
C GLU C 100 10.56 4.77 9.70
N GLU C 101 10.35 5.43 8.56
CA GLU C 101 11.26 5.30 7.44
C GLU C 101 12.65 5.79 7.79
N VAL C 102 12.76 6.91 8.50
CA VAL C 102 14.01 7.45 8.97
C VAL C 102 14.19 7.05 10.41
N PRO C 103 15.20 6.26 10.77
CA PRO C 103 15.44 5.90 12.17
C PRO C 103 15.94 7.11 12.95
N VAL C 104 15.61 7.14 14.23
CA VAL C 104 15.91 8.28 15.06
C VAL C 104 16.61 7.83 16.34
N TYR C 105 17.83 8.33 16.54
CA TYR C 105 18.55 8.09 17.78
C TYR C 105 17.87 8.89 18.88
N ARG C 106 17.60 8.27 20.02
CA ARG C 106 16.97 9.01 21.11
C ARG C 106 18.03 9.41 22.14
N GLU C 107 18.71 10.50 21.78
CA GLU C 107 19.87 11.03 22.49
C GLU C 107 19.81 12.54 22.37
N LYS C 108 20.60 13.24 23.19
CA LYS C 108 20.69 14.69 23.15
C LYS C 108 21.97 15.10 22.42
N VAL C 109 21.83 15.87 21.35
CA VAL C 109 23.00 16.39 20.66
C VAL C 109 23.70 17.42 21.53
N THR C 110 24.97 17.17 21.86
CA THR C 110 25.64 18.08 22.79
C THR C 110 26.58 19.06 22.09
N ALA C 111 27.01 18.74 20.88
CA ALA C 111 27.98 19.57 20.19
C ALA C 111 27.96 19.17 18.72
N LEU C 112 28.52 20.05 17.90
CA LEU C 112 28.66 19.87 16.47
C LEU C 112 30.08 20.28 16.13
N THR C 113 30.89 19.32 15.73
CA THR C 113 32.28 19.59 15.40
C THR C 113 32.51 19.35 13.92
N ARG C 114 33.35 20.19 13.31
CA ARG C 114 33.74 19.99 11.94
C ARG C 114 34.85 18.98 11.89
N THR C 115 34.81 18.14 10.86
CA THR C 115 35.81 17.13 10.59
C THR C 115 36.12 17.22 9.10
N SER C 116 37.18 16.52 8.69
CA SER C 116 37.65 16.62 7.31
C SER C 116 36.55 16.33 6.30
N SER C 117 35.86 15.19 6.47
CA SER C 117 34.81 14.80 5.53
C SER C 117 33.44 15.42 5.84
N GLY C 118 33.15 15.77 7.09
CA GLY C 118 31.89 16.44 7.34
C GLY C 118 31.71 16.96 8.75
N TRP C 119 30.49 16.79 9.28
CA TRP C 119 30.16 17.28 10.60
C TRP C 119 30.04 16.10 11.54
N ALA C 120 30.38 16.30 12.81
CA ALA C 120 30.36 15.25 13.81
C ALA C 120 29.41 15.65 14.93
N VAL C 121 28.38 14.83 15.12
CA VAL C 121 27.30 15.07 16.06
C VAL C 121 27.61 14.31 17.33
N SER C 122 27.82 15.02 18.42
CA SER C 122 28.12 14.39 19.71
C SER C 122 26.86 14.16 20.51
N LEU C 123 26.82 13.03 21.22
CA LEU C 123 25.65 12.60 21.98
C LEU C 123 26.02 12.49 23.45
N GLU C 124 25.18 13.05 24.32
CA GLU C 124 25.48 13.08 25.75
C GLU C 124 25.62 11.68 26.31
N GLY C 125 26.68 11.46 27.09
CA GLY C 125 26.92 10.16 27.70
C GLY C 125 27.45 9.12 26.75
N ARG C 126 27.88 9.52 25.56
CA ARG C 126 28.33 8.60 24.51
C ARG C 126 29.65 9.07 23.93
N GLU C 127 30.67 8.20 24.03
CA GLU C 127 32.02 8.53 23.60
C GLU C 127 32.13 8.80 22.10
N ALA C 128 31.52 7.96 21.28
CA ALA C 128 31.57 8.16 19.83
C ALA C 128 30.52 9.15 19.38
N ALA C 129 30.74 9.68 18.19
CA ALA C 129 29.91 10.71 17.60
C ALA C 129 29.41 10.23 16.26
N LEU C 130 28.23 10.72 15.87
CA LEU C 130 27.76 10.45 14.51
C LEU C 130 28.38 11.47 13.58
N GLU C 131 28.41 11.12 12.30
CA GLU C 131 29.04 11.97 11.31
C GLU C 131 28.22 11.93 10.03
N ALA C 132 28.13 13.07 9.35
CA ALA C 132 27.47 13.12 8.07
C ALA C 132 28.01 14.31 7.30
N ARG C 133 27.81 14.26 5.97
CA ARG C 133 28.29 15.37 5.15
C ARG C 133 27.46 16.61 5.44
N SER C 134 26.15 16.46 5.54
CA SER C 134 25.27 17.58 5.85
C SER C 134 24.49 17.30 7.13
N VAL C 135 24.37 18.32 7.96
CA VAL C 135 23.57 18.27 9.16
C VAL C 135 22.56 19.39 9.06
N VAL C 136 21.30 19.04 9.26
CA VAL C 136 20.20 19.98 9.40
C VAL C 136 19.79 20.00 10.86
N VAL C 137 19.78 21.19 11.46
CA VAL C 137 19.33 21.38 12.83
C VAL C 137 17.90 21.89 12.76
N ALA C 138 16.95 21.00 13.01
CA ALA C 138 15.53 21.35 13.11
C ALA C 138 15.11 21.17 14.57
N ALA C 139 15.68 22.02 15.44
CA ALA C 139 15.57 21.85 16.88
C ALA C 139 14.56 22.80 17.52
N GLY C 140 13.58 23.26 16.73
CA GLY C 140 12.53 24.13 17.24
C GLY C 140 13.10 25.29 18.01
N VAL C 141 12.53 25.58 19.18
CA VAL C 141 12.94 26.74 19.96
C VAL C 141 14.34 26.61 20.56
N TRP C 142 14.96 25.42 20.53
CA TRP C 142 16.28 25.20 21.12
C TRP C 142 17.38 25.19 20.05
N THR C 143 17.03 25.53 18.81
CA THR C 143 18.00 25.46 17.74
C THR C 143 19.19 26.37 18.01
N SER C 144 18.94 27.54 18.62
CA SER C 144 20.00 28.50 18.90
C SER C 144 20.94 28.03 19.99
N GLU C 145 20.70 26.85 20.55
CA GLU C 145 21.62 26.26 21.50
C GLU C 145 22.70 25.46 20.79
N LEU C 146 22.53 25.18 19.50
CA LEU C 146 23.52 24.45 18.71
C LEU C 146 24.06 25.27 17.55
N VAL C 147 23.29 26.20 17.01
CA VAL C 147 23.72 27.07 15.92
C VAL C 147 23.53 28.50 16.41
N ARG C 148 24.52 29.34 16.17
CA ARG C 148 24.56 30.67 16.79
C ARG C 148 24.66 31.79 15.77
N SER C 149 23.97 31.67 14.63
CA SER C 149 23.99 32.74 13.67
C SER C 149 23.29 33.98 14.23
N GLN C 150 23.40 35.06 13.46
CA GLN C 150 22.79 36.31 13.90
C GLN C 150 21.29 36.21 13.79
N ALA C 151 20.80 35.64 12.70
CA ALA C 151 19.35 35.49 12.55
C ALA C 151 18.74 34.72 13.72
N LEU C 152 19.42 33.66 14.18
CA LEU C 152 18.95 32.84 15.30
C LEU C 152 18.95 33.64 16.64
N GLY C 153 19.40 34.90 16.56
CA GLY C 153 19.43 35.76 17.73
C GLY C 153 18.07 36.24 18.16
N GLY C 154 17.09 36.25 17.27
CA GLY C 154 15.71 36.58 17.59
C GLY C 154 14.81 35.40 17.86
N LEU C 155 15.38 34.21 18.00
CA LEU C 155 14.58 33.00 18.17
C LEU C 155 13.91 33.04 19.53
N VAL C 156 12.58 33.08 19.55
CA VAL C 156 11.83 33.10 20.79
C VAL C 156 10.73 32.06 20.73
N GLY C 157 10.11 31.82 21.88
CA GLY C 157 9.05 30.85 22.01
C GLY C 157 7.69 31.51 22.19
N ARG C 158 6.70 30.96 21.50
CA ARG C 158 5.29 31.32 21.66
C ARG C 158 4.59 30.04 22.09
N ALA C 159 4.23 29.95 23.37
CA ALA C 159 3.63 28.71 23.87
C ALA C 159 2.15 28.63 23.55
N GLY C 160 1.64 27.41 23.57
CA GLY C 160 0.23 27.13 23.37
C GLY C 160 -0.09 25.74 23.87
N VAL C 161 -1.39 25.44 23.88
CA VAL C 161 -1.92 24.17 24.35
C VAL C 161 -3.06 23.73 23.42
N ALA C 162 -3.22 22.43 23.27
CA ALA C 162 -4.34 21.86 22.53
C ALA C 162 -4.89 20.68 23.34
N PHE C 163 -6.16 20.35 23.14
CA PHE C 163 -6.80 19.32 23.94
C PHE C 163 -7.39 18.22 23.05
N ARG C 164 -7.09 16.96 23.38
CA ARG C 164 -7.57 15.81 22.65
C ARG C 164 -8.48 14.99 23.55
N TRP C 165 -9.76 14.94 23.21
CA TRP C 165 -10.74 14.15 23.94
C TRP C 165 -10.76 12.73 23.37
N GLN C 166 -10.89 11.75 24.28
CA GLN C 166 -10.88 10.34 23.91
C GLN C 166 -12.29 9.84 23.66
N ASP C 167 -12.40 8.87 22.75
CA ASP C 167 -13.67 8.19 22.47
C ASP C 167 -14.79 9.20 22.23
N MET C 168 -14.54 10.09 21.28
CA MET C 168 -15.47 11.14 20.93
C MET C 168 -15.21 11.54 19.48
N GLN C 169 -16.28 11.95 18.81
CA GLN C 169 -16.22 12.47 17.45
C GLN C 169 -17.24 13.59 17.35
N LEU C 170 -16.96 14.56 16.49
CA LEU C 170 -17.81 15.72 16.27
C LEU C 170 -18.57 15.52 14.97
N GLU C 171 -19.88 15.79 14.97
CA GLU C 171 -20.61 15.71 13.70
C GLU C 171 -20.24 16.88 12.79
N GLU C 172 -19.98 18.07 13.35
CA GLU C 172 -19.54 19.22 12.57
C GLU C 172 -18.21 19.73 13.10
N GLN C 173 -17.23 19.83 12.21
CA GLN C 173 -15.94 20.40 12.52
C GLN C 173 -16.00 21.89 12.24
N PHE C 174 -15.41 22.70 13.13
CA PHE C 174 -15.72 24.13 13.12
C PHE C 174 -14.49 25.01 13.35
N ILE C 175 -14.61 26.27 12.89
CA ILE C 175 -13.69 27.36 13.19
C ILE C 175 -14.58 28.51 13.65
N SER C 176 -14.60 28.76 14.94
CA SER C 176 -15.53 29.70 15.56
C SER C 176 -14.81 30.96 16.04
N PRO C 177 -15.01 32.11 15.41
CA PRO C 177 -14.41 33.34 15.91
C PRO C 177 -14.99 33.71 17.27
N TRP C 178 -14.10 34.04 18.21
CA TRP C 178 -14.47 34.40 19.58
C TRP C 178 -13.94 35.77 19.98
N ALA C 179 -13.11 36.41 19.14
CA ALA C 179 -12.60 37.77 19.28
C ALA C 179 -12.15 38.19 17.89
N PRO C 180 -11.92 39.48 17.63
CA PRO C 180 -11.29 39.83 16.35
C PRO C 180 -9.95 39.13 16.25
N TYR C 181 -9.76 38.39 15.15
CA TYR C 181 -8.52 37.68 14.83
C TYR C 181 -8.22 36.49 15.76
N ARG C 182 -9.22 35.91 16.43
CA ARG C 182 -9.01 34.79 17.33
C ARG C 182 -10.11 33.77 17.10
N GLN C 183 -9.73 32.49 17.01
CA GLN C 183 -10.74 31.49 16.71
C GLN C 183 -10.43 30.20 17.46
N THR C 184 -11.48 29.57 17.93
CA THR C 184 -11.41 28.23 18.46
C THR C 184 -11.65 27.26 17.31
N VAL C 185 -10.82 26.23 17.23
CA VAL C 185 -10.90 25.27 16.15
C VAL C 185 -11.19 23.89 16.71
N GLY C 186 -12.25 23.26 16.21
CA GLY C 186 -12.55 21.90 16.62
C GLY C 186 -12.70 20.94 15.46
N PHE C 187 -12.08 19.77 15.56
CA PHE C 187 -12.21 18.79 14.48
C PHE C 187 -11.83 17.40 15.00
N ASN C 188 -12.06 16.42 14.15
CA ASN C 188 -11.73 15.03 14.47
C ASN C 188 -10.37 14.76 13.87
N ILE C 189 -9.37 14.64 14.74
CA ILE C 189 -8.00 14.42 14.31
C ILE C 189 -7.74 12.95 14.06
N SER C 190 -8.57 12.08 14.60
CA SER C 190 -8.52 10.63 14.46
C SER C 190 -9.96 10.13 14.46
N PRO C 191 -10.20 8.91 13.98
CA PRO C 191 -11.59 8.42 14.00
C PRO C 191 -12.14 8.17 15.40
N THR C 192 -11.35 8.41 16.45
CA THR C 192 -11.83 8.17 17.81
C THR C 192 -11.52 9.34 18.75
N GLU C 193 -10.97 10.45 18.25
CA GLU C 193 -10.51 11.57 19.06
C GLU C 193 -10.91 12.91 18.45
N VAL C 194 -11.19 13.86 19.32
CA VAL C 194 -11.51 15.23 18.93
C VAL C 194 -10.40 16.15 19.43
N TRP C 195 -9.95 17.07 18.57
CA TRP C 195 -8.88 18.00 18.89
C TRP C 195 -9.44 19.42 18.89
N VAL C 196 -9.14 20.17 19.94
CA VAL C 196 -9.60 21.56 20.07
C VAL C 196 -8.44 22.45 20.51
N GLY C 197 -8.35 23.62 19.89
CA GLY C 197 -7.36 24.61 20.28
C GLY C 197 -7.90 26.00 20.01
N ASP C 198 -7.38 26.96 20.78
CA ASP C 198 -7.87 28.32 20.67
C ASP C 198 -6.83 29.28 20.14
N GLY C 199 -5.65 28.77 19.80
CA GLY C 199 -4.66 29.58 19.12
C GLY C 199 -3.86 30.47 20.02
N SER C 200 -3.91 30.26 21.32
CA SER C 200 -3.19 31.11 22.24
C SER C 200 -1.70 30.91 22.02
N ALA C 201 -0.96 32.01 21.90
CA ALA C 201 0.48 31.99 21.70
C ALA C 201 1.08 32.98 22.69
N ILE C 202 1.70 32.47 23.75
CA ILE C 202 2.16 33.24 24.91
C ILE C 202 3.64 32.99 25.14
N LYS C 203 4.31 33.98 25.73
CA LYS C 203 5.69 33.77 26.16
C LYS C 203 5.73 32.59 27.12
N PRO C 204 6.59 31.59 26.89
CA PRO C 204 6.52 30.37 27.72
C PRO C 204 6.59 30.65 29.20
N GLU C 205 7.25 31.74 29.62
CA GLU C 205 7.40 32.02 31.04
C GLU C 205 6.13 32.61 31.63
N ASN C 206 5.17 33.03 30.82
CA ASN C 206 3.90 33.53 31.34
C ASN C 206 2.82 32.46 31.30
N TRP C 207 3.19 31.23 30.96
CA TRP C 207 2.23 30.13 30.93
C TRP C 207 2.17 29.51 32.32
N ASN C 208 1.00 29.00 32.69
CA ASN C 208 0.82 28.41 34.02
C ASN C 208 -0.46 27.57 33.97
N GLN C 209 -0.71 26.80 35.05
CA GLN C 209 -1.89 25.94 35.06
C GLN C 209 -3.17 26.74 35.02
N ASP C 210 -3.15 27.95 35.58
CA ASP C 210 -4.35 28.77 35.57
C ASP C 210 -4.66 29.24 34.17
N ARG C 211 -3.63 29.71 33.45
CA ARG C 211 -3.81 30.17 32.08
C ARG C 211 -4.19 29.01 31.18
N GLN C 212 -3.64 27.82 31.45
CA GLN C 212 -4.04 26.66 30.67
C GLN C 212 -5.50 26.31 30.88
N ASN C 213 -6.00 26.45 32.11
CA ASN C 213 -7.39 26.14 32.38
C ASN C 213 -8.32 27.12 31.69
N VAL C 214 -7.85 28.33 31.41
CA VAL C 214 -8.67 29.27 30.64
C VAL C 214 -8.85 28.76 29.21
N SER C 215 -7.80 28.19 28.63
CA SER C 215 -7.93 27.65 27.28
C SER C 215 -8.68 26.33 27.27
N TYR C 216 -8.55 25.54 28.34
CA TYR C 216 -9.35 24.33 28.40
C TYR C 216 -10.83 24.68 28.43
N SER C 217 -11.22 25.65 29.27
CA SER C 217 -12.63 25.96 29.37
C SER C 217 -13.16 26.58 28.08
N ARG C 218 -12.38 27.45 27.43
CA ARG C 218 -12.82 27.98 26.14
C ARG C 218 -13.04 26.85 25.14
N CYS C 219 -12.11 25.88 25.10
CA CYS C 219 -12.22 24.77 24.16
C CYS C 219 -13.32 23.81 24.56
N ALA C 220 -13.45 23.53 25.87
CA ALA C 220 -14.52 22.62 26.28
C ALA C 220 -15.88 23.24 25.96
N GLN C 221 -16.06 24.53 26.26
CA GLN C 221 -17.33 25.17 25.92
C GLN C 221 -17.63 25.07 24.43
N ALA C 222 -16.59 25.10 23.61
CA ALA C 222 -16.79 25.12 22.16
C ALA C 222 -17.33 23.79 21.64
N ILE C 223 -17.10 22.69 22.36
CA ILE C 223 -17.59 21.36 21.97
C ILE C 223 -18.63 20.82 22.95
N ASP C 224 -19.19 21.70 23.80
CA ASP C 224 -20.26 21.38 24.76
C ASP C 224 -19.91 20.22 25.67
N ARG C 225 -18.77 20.37 26.34
CA ARG C 225 -18.27 19.41 27.33
C ARG C 225 -17.95 20.11 28.63
N ALA C 226 -18.24 21.39 28.74
CA ALA C 226 -18.04 22.06 30.02
C ALA C 226 -19.14 21.59 30.94
N GLY C 227 -18.78 21.15 32.12
CA GLY C 227 -19.72 20.64 33.09
C GLY C 227 -19.62 19.15 33.30
N PHE C 228 -18.97 18.43 32.39
CA PHE C 228 -18.87 16.99 32.50
C PHE C 228 -17.63 16.58 33.27
N GLY C 229 -16.79 17.55 33.64
CA GLY C 229 -15.56 17.27 34.35
C GLY C 229 -14.64 16.34 33.61
N ASP C 230 -14.44 16.58 32.30
CA ASP C 230 -13.66 15.65 31.49
C ASP C 230 -12.21 15.57 31.92
N GLN C 231 -11.63 16.66 32.44
CA GLN C 231 -10.22 16.61 32.82
C GLN C 231 -9.96 15.60 33.94
N GLU C 232 -10.65 15.76 35.07
CA GLU C 232 -10.40 14.88 36.21
C GLU C 232 -10.87 13.45 35.96
N ALA C 233 -11.70 13.24 34.95
CA ALA C 233 -12.18 11.93 34.55
C ALA C 233 -11.19 11.23 33.61
N GLY C 234 -10.13 11.93 33.20
CA GLY C 234 -9.13 11.38 32.29
C GLY C 234 -9.61 11.17 30.88
N ARG C 235 -10.65 11.90 30.47
CA ARG C 235 -11.21 11.76 29.14
C ARG C 235 -10.58 12.70 28.12
N VAL C 236 -9.86 13.73 28.59
CA VAL C 236 -9.20 14.70 27.73
C VAL C 236 -7.73 14.79 28.12
N LYS C 237 -6.86 14.89 27.13
CA LYS C 237 -5.42 15.06 27.32
C LYS C 237 -5.00 16.49 26.95
N ALA C 238 -4.27 17.15 27.84
CA ALA C 238 -3.77 18.49 27.52
C ALA C 238 -2.39 18.35 26.88
N LEU C 239 -2.16 19.10 25.80
CA LEU C 239 -0.92 19.04 25.05
C LEU C 239 -0.28 20.43 25.04
N TYR C 240 0.81 20.62 25.76
CA TYR C 240 1.50 21.91 25.81
C TYR C 240 2.73 21.91 24.88
N GLY C 241 2.94 23.01 24.18
CA GLY C 241 4.08 23.08 23.29
C GLY C 241 4.53 24.50 23.02
N ILE C 242 5.81 24.62 22.68
CA ILE C 242 6.40 25.90 22.32
C ILE C 242 6.60 25.98 20.81
N ARG C 243 5.97 26.96 20.19
CA ARG C 243 6.20 27.23 18.78
C ARG C 243 7.50 28.02 18.63
N PRO C 244 8.38 27.68 17.68
CA PRO C 244 9.56 28.52 17.44
C PRO C 244 9.19 29.72 16.57
N TYR C 245 9.59 30.91 17.00
CA TYR C 245 9.22 32.15 16.33
C TYR C 245 10.45 33.06 16.18
N ILE C 246 10.64 33.63 14.98
CA ILE C 246 11.67 34.64 14.73
C ILE C 246 11.01 35.78 13.95
N ALA C 247 10.93 36.95 14.58
CA ALA C 247 10.32 38.09 13.92
C ALA C 247 11.09 38.49 12.66
N GLY C 248 10.36 38.58 11.54
CA GLY C 248 10.85 39.00 10.24
C GLY C 248 11.34 37.93 9.31
N VAL C 249 10.92 36.68 9.46
CA VAL C 249 11.51 35.60 8.68
C VAL C 249 10.42 34.70 8.13
N PRO C 251 8.80 32.99 5.89
CA PRO C 251 7.88 31.91 6.32
C PRO C 251 8.44 31.22 7.54
N CYS C 252 9.70 30.85 7.42
CA CYS C 252 10.48 30.31 8.52
C CYS C 252 11.93 30.60 8.18
N LEU C 253 12.84 30.19 9.06
CA LEU C 253 14.27 30.34 8.80
C LEU C 253 14.79 29.03 8.22
N LEU C 254 15.35 29.09 7.01
CA LEU C 254 16.10 27.98 6.41
C LEU C 254 17.41 28.58 5.91
N GLU C 255 18.49 28.34 6.63
CA GLU C 255 19.75 28.98 6.29
C GLU C 255 20.91 28.00 6.42
N GLU C 256 21.83 28.02 5.45
CA GLU C 256 23.08 27.25 5.54
C GLU C 256 24.08 28.13 6.27
N VAL C 257 24.19 27.92 7.58
CA VAL C 257 25.03 28.77 8.43
C VAL C 257 26.51 28.53 8.16
N GLU C 258 26.90 27.28 8.04
CA GLU C 258 28.26 26.92 7.66
C GLU C 258 28.13 25.92 6.54
N PRO C 259 29.17 25.72 5.71
CA PRO C 259 29.03 24.75 4.62
C PRO C 259 28.64 23.40 5.20
N GLY C 260 27.46 22.92 4.80
CA GLY C 260 26.94 21.64 5.26
C GLY C 260 26.12 21.68 6.54
N LEU C 261 26.05 22.83 7.21
CA LEU C 261 25.32 22.97 8.47
C LEU C 261 24.14 23.90 8.25
N TRP C 262 22.93 23.35 8.35
CA TRP C 262 21.70 24.11 8.13
C TRP C 262 20.93 24.32 9.43
N ALA C 263 20.22 25.45 9.50
CA ALA C 263 19.27 25.74 10.58
C ALA C 263 17.90 25.89 9.97
N LEU C 264 16.94 25.20 10.55
CA LEU C 264 15.54 25.19 10.13
C LEU C 264 14.66 25.38 11.35
N THR C 265 14.04 26.55 11.50
CA THR C 265 13.19 26.85 12.64
C THR C 265 12.37 28.09 12.29
N GLY C 266 11.59 28.58 13.26
CA GLY C 266 10.81 29.79 13.06
C GLY C 266 9.45 29.58 12.41
N GLY C 267 8.97 28.36 12.35
CA GLY C 267 7.67 28.13 11.74
C GLY C 267 6.51 28.18 12.73
N ALA C 268 6.40 29.24 13.55
CA ALA C 268 5.33 29.25 14.55
C ALA C 268 3.96 29.29 13.90
N LYS C 269 3.71 30.31 13.09
CA LYS C 269 2.47 30.39 12.33
C LYS C 269 2.70 29.58 11.07
N ASN C 270 1.74 28.72 10.71
CA ASN C 270 1.81 27.91 9.51
C ASN C 270 3.07 27.03 9.52
N GLY C 271 3.05 26.03 10.38
CA GLY C 271 4.24 25.21 10.54
C GLY C 271 4.36 24.06 9.57
N THR C 272 3.32 23.24 9.43
CA THR C 272 3.42 22.10 8.53
C THR C 272 3.66 22.55 7.11
N ILE C 273 2.98 23.61 6.69
CA ILE C 273 3.12 24.10 5.33
C ILE C 273 4.50 24.75 5.14
N SER C 274 4.99 25.49 6.12
CA SER C 274 6.31 26.07 5.93
C SER C 274 7.38 24.99 6.02
N ALA C 275 7.12 23.91 6.77
CA ALA C 275 8.07 22.81 6.79
C ALA C 275 8.09 22.10 5.43
N GLY C 276 6.91 21.94 4.81
CA GLY C 276 6.86 21.38 3.47
C GLY C 276 7.65 22.20 2.48
N TRP C 277 7.57 23.53 2.58
CA TRP C 277 8.36 24.39 1.69
C TRP C 277 9.84 24.18 1.91
N ALA C 278 10.30 24.29 3.16
CA ALA C 278 11.73 24.18 3.43
C ALA C 278 12.25 22.82 3.02
N ALA C 279 11.42 21.79 3.10
CA ALA C 279 11.85 20.46 2.69
C ALA C 279 12.03 20.37 1.17
N SER C 280 11.12 20.99 0.41
CA SER C 280 11.29 21.03 -1.03
C SER C 280 12.64 21.66 -1.40
N GLU C 281 13.00 22.74 -0.69
CA GLU C 281 14.26 23.44 -0.97
C GLU C 281 15.46 22.62 -0.55
N LEU C 282 15.33 21.82 0.51
CA LEU C 282 16.47 21.07 1.01
C LEU C 282 16.79 19.91 0.09
N VAL C 283 15.74 19.31 -0.50
CA VAL C 283 15.91 18.25 -1.48
C VAL C 283 16.51 18.82 -2.75
N ARG C 284 16.29 20.11 -2.98
CA ARG C 284 16.80 20.82 -4.13
C ARG C 284 18.26 21.24 -3.91
N ARG C 285 18.67 21.50 -2.65
CA ARG C 285 19.98 22.03 -2.34
C ARG C 285 20.94 21.02 -1.69
N ILE C 286 20.53 19.78 -1.47
CA ILE C 286 21.42 18.76 -0.91
C ILE C 286 21.45 17.49 -1.75
N SER D 1 12.78 -1.16 -20.07
CA SER D 1 13.42 -1.58 -21.31
C SER D 1 12.38 -1.66 -22.40
N MET D 2 11.19 -1.15 -22.08
CA MET D 2 10.10 -1.10 -23.04
C MET D 2 10.23 0.16 -23.88
N LYS D 3 10.09 0.02 -25.19
CA LYS D 3 10.24 1.12 -26.14
C LYS D 3 9.16 1.07 -27.21
N THR D 4 8.31 2.11 -27.27
CA THR D 4 7.18 2.13 -28.21
C THR D 4 7.14 3.41 -29.02
N ASP D 5 6.11 3.56 -29.85
CA ASP D 5 5.96 4.79 -30.62
C ASP D 5 5.42 5.94 -29.78
N VAL D 6 4.32 5.72 -29.06
CA VAL D 6 3.65 6.79 -28.32
C VAL D 6 3.33 6.27 -26.93
N ILE D 7 3.59 7.09 -25.92
CA ILE D 7 3.09 6.83 -24.57
C ILE D 7 2.15 7.96 -24.20
N VAL D 8 0.92 7.63 -23.86
CA VAL D 8 -0.07 8.63 -23.48
C VAL D 8 -0.27 8.60 -21.97
N VAL D 9 0.06 9.71 -21.31
CA VAL D 9 -0.13 9.83 -19.86
C VAL D 9 -1.53 10.36 -19.60
N GLY D 10 -2.32 9.61 -18.85
CA GLY D 10 -3.68 10.01 -18.61
C GLY D 10 -4.63 9.20 -19.47
N ALA D 11 -5.62 8.56 -18.84
CA ALA D 11 -6.55 7.69 -19.53
C ALA D 11 -7.98 8.16 -19.31
N GLY D 12 -8.17 9.47 -19.26
CA GLY D 12 -9.50 10.04 -19.26
C GLY D 12 -9.98 10.14 -20.69
N LEU D 13 -10.95 11.01 -20.92
CA LEU D 13 -11.54 11.10 -22.26
C LEU D 13 -10.49 11.48 -23.29
N PHE D 14 -9.63 12.44 -22.95
CA PHE D 14 -8.70 12.97 -23.93
C PHE D 14 -7.60 11.95 -24.20
N GLY D 15 -7.04 11.38 -23.15
CA GLY D 15 -5.99 10.40 -23.33
C GLY D 15 -6.51 9.11 -23.94
N SER D 16 -7.73 8.71 -23.59
CA SER D 16 -8.32 7.52 -24.19
C SER D 16 -8.58 7.75 -25.66
N ILE D 17 -9.20 8.88 -25.99
CA ILE D 17 -9.58 9.17 -27.36
C ILE D 17 -8.32 9.35 -28.22
N ALA D 18 -7.32 10.05 -27.71
CA ALA D 18 -6.13 10.27 -28.51
C ALA D 18 -5.36 8.97 -28.71
N ALA D 19 -5.19 8.17 -27.64
CA ALA D 19 -4.42 6.94 -27.77
C ALA D 19 -5.05 5.99 -28.76
N LYS D 20 -6.37 5.82 -28.69
CA LYS D 20 -7.04 4.89 -29.60
C LYS D 20 -6.97 5.41 -31.03
N ALA D 21 -7.07 6.72 -31.22
CA ALA D 21 -6.95 7.25 -32.56
C ALA D 21 -5.55 6.99 -33.10
N LEU D 22 -4.53 7.20 -32.27
CA LEU D 22 -3.17 6.95 -32.74
C LEU D 22 -2.96 5.48 -33.04
N ALA D 23 -3.53 4.60 -32.21
CA ALA D 23 -3.35 3.17 -32.45
C ALA D 23 -3.95 2.77 -33.80
N GLN D 24 -5.10 3.33 -34.15
CA GLN D 24 -5.74 2.97 -35.39
C GLN D 24 -5.15 3.70 -36.57
N ALA D 25 -4.22 4.60 -36.33
CA ALA D 25 -3.49 5.23 -37.40
C ALA D 25 -2.18 4.49 -37.64
N GLY D 26 -1.97 3.36 -36.94
CA GLY D 26 -0.86 2.45 -37.16
C GLY D 26 0.17 2.41 -36.06
N LEU D 27 0.14 3.35 -35.12
CA LEU D 27 1.24 3.50 -34.16
C LEU D 27 1.05 2.60 -32.94
N ALA D 28 2.18 2.16 -32.39
CA ALA D 28 2.17 1.28 -31.22
C ALA D 28 2.13 2.16 -29.99
N VAL D 29 1.01 2.14 -29.29
CA VAL D 29 0.77 3.11 -28.24
C VAL D 29 0.54 2.37 -26.93
N VAL D 30 0.96 3.01 -25.85
CA VAL D 30 0.71 2.47 -24.53
C VAL D 30 0.31 3.63 -23.62
N GLY D 31 -0.51 3.34 -22.63
CA GLY D 31 -1.00 4.37 -21.75
C GLY D 31 -0.59 4.11 -20.31
N VAL D 32 -0.58 5.21 -19.54
CA VAL D 32 -0.25 5.17 -18.11
C VAL D 32 -1.24 6.07 -17.37
N ASP D 33 -1.90 5.54 -16.34
CA ASP D 33 -2.85 6.31 -15.53
C ASP D 33 -2.87 5.75 -14.11
N ASP D 34 -2.82 6.62 -13.09
CA ASP D 34 -2.75 6.16 -11.70
C ASP D 34 -4.12 6.10 -11.02
N SER D 35 -5.21 6.29 -11.76
CA SER D 35 -6.57 6.15 -11.26
C SER D 35 -6.79 6.99 -10.00
N ARG D 36 -6.21 8.18 -9.98
CA ARG D 36 -6.36 9.03 -8.81
C ARG D 36 -7.76 9.61 -8.75
N PRO D 37 -8.28 9.81 -7.56
CA PRO D 37 -9.65 10.30 -7.42
C PRO D 37 -9.80 11.72 -7.90
N GLY D 38 -11.03 12.06 -8.28
CA GLY D 38 -11.37 13.41 -8.72
C GLY D 38 -11.20 13.67 -10.19
N ALA D 39 -10.77 12.67 -10.97
CA ALA D 39 -10.54 12.85 -12.39
C ALA D 39 -11.80 13.35 -13.10
N GLY D 40 -11.62 14.24 -14.07
CA GLY D 40 -12.77 14.89 -14.63
C GLY D 40 -13.61 14.06 -15.59
N SER D 41 -13.15 12.86 -15.98
CA SER D 41 -13.90 12.08 -16.96
C SER D 41 -14.89 11.14 -16.32
N LEU D 42 -14.79 10.91 -15.03
CA LEU D 42 -15.62 9.91 -14.37
C LEU D 42 -17.09 10.31 -14.33
N PRO D 43 -17.43 11.57 -14.07
CA PRO D 43 -18.82 11.98 -14.15
C PRO D 43 -19.29 12.25 -15.56
N ALA D 44 -18.44 12.06 -16.56
CA ALA D 44 -18.77 12.52 -17.90
C ALA D 44 -19.91 11.73 -18.52
N ALA D 45 -20.74 12.45 -19.27
CA ALA D 45 -21.84 11.86 -20.00
C ALA D 45 -21.56 11.81 -21.50
N CYS D 46 -20.57 12.57 -21.97
CA CYS D 46 -20.16 12.59 -23.36
C CYS D 46 -21.31 13.06 -24.24
N LEU D 47 -22.11 13.97 -23.71
CA LEU D 47 -23.17 14.65 -24.44
C LEU D 47 -22.54 15.82 -25.20
N MET D 48 -22.95 16.01 -26.44
CA MET D 48 -22.38 17.08 -27.27
C MET D 48 -23.52 17.86 -27.91
N LYS D 49 -23.85 19.00 -27.33
CA LYS D 49 -24.97 19.72 -27.93
C LYS D 49 -24.41 20.81 -28.84
N PRO D 50 -24.85 20.87 -30.10
CA PRO D 50 -24.31 21.90 -31.02
C PRO D 50 -24.25 23.30 -30.43
N SER D 51 -25.29 23.70 -29.68
CA SER D 51 -25.30 25.03 -29.07
C SER D 51 -24.09 25.24 -28.17
N TRP D 52 -23.61 24.16 -27.53
CA TRP D 52 -22.49 24.28 -26.59
C TRP D 52 -21.15 24.37 -27.31
N PHE D 53 -21.00 23.69 -28.45
CA PHE D 53 -19.69 23.56 -29.07
C PHE D 53 -19.53 24.42 -30.32
N SER D 54 -20.59 25.06 -30.79
CA SER D 54 -20.52 25.83 -32.03
C SER D 54 -19.43 26.91 -32.00
N SER D 55 -19.04 27.39 -30.80
CA SER D 55 -18.02 28.44 -30.73
C SER D 55 -16.66 28.02 -31.30
N MET D 56 -16.36 26.72 -31.34
CA MET D 56 -15.04 26.30 -31.84
C MET D 56 -14.94 26.44 -33.36
N GLY D 57 -16.01 26.13 -34.08
CA GLY D 57 -16.04 26.26 -35.53
C GLY D 57 -16.07 24.92 -36.23
N LYS D 58 -16.76 24.87 -37.37
CA LYS D 58 -16.85 23.64 -38.15
C LYS D 58 -15.48 23.09 -38.54
N ASP D 59 -14.48 23.99 -38.69
CA ASP D 59 -13.12 23.56 -39.02
C ASP D 59 -12.57 22.62 -37.96
N LYS D 60 -13.16 22.65 -36.75
CA LYS D 60 -12.73 21.81 -35.63
C LYS D 60 -13.79 20.82 -35.20
N PHE D 61 -15.06 21.22 -35.06
CA PHE D 61 -16.02 20.24 -34.56
C PHE D 61 -16.32 19.18 -35.63
N GLU D 62 -16.34 19.57 -36.91
CA GLU D 62 -16.63 18.57 -37.95
C GLU D 62 -15.56 17.48 -38.01
N PRO D 63 -14.26 17.78 -37.99
CA PRO D 63 -13.27 16.67 -37.90
C PRO D 63 -13.47 15.79 -36.68
N SER D 64 -13.75 16.42 -35.53
CA SER D 64 -13.92 15.69 -34.27
C SER D 64 -15.07 14.68 -34.37
N LEU D 65 -16.23 15.13 -34.84
CA LEU D 65 -17.36 14.22 -34.99
C LEU D 65 -17.07 13.13 -36.01
N GLU D 66 -16.26 13.43 -37.03
CA GLU D 66 -15.89 12.41 -37.99
C GLU D 66 -15.01 11.35 -37.35
N LEU D 67 -14.00 11.80 -36.57
CA LEU D 67 -13.12 10.85 -35.90
C LEU D 67 -13.90 9.99 -34.91
N LEU D 68 -14.81 10.63 -34.13
CA LEU D 68 -15.55 9.95 -33.08
C LEU D 68 -16.55 8.96 -33.68
N ASP D 69 -17.23 9.36 -34.77
CA ASP D 69 -18.15 8.43 -35.41
C ASP D 69 -17.40 7.25 -36.06
N ARG D 70 -16.19 7.49 -36.57
CA ARG D 70 -15.40 6.40 -37.11
C ARG D 70 -14.98 5.44 -36.02
N ILE D 71 -14.43 5.96 -34.93
CA ILE D 71 -13.81 5.11 -33.93
C ILE D 71 -14.83 4.55 -32.97
N TYR D 72 -15.78 5.35 -32.56
CA TYR D 72 -16.68 4.95 -31.50
C TYR D 72 -18.12 4.86 -31.96
N GLY D 73 -18.55 5.77 -32.82
CA GLY D 73 -19.95 5.85 -33.18
C GLY D 73 -20.59 7.01 -32.45
N VAL D 74 -21.14 7.97 -33.19
CA VAL D 74 -21.87 9.11 -32.64
C VAL D 74 -23.37 8.88 -32.77
N LYS D 75 -24.08 8.72 -31.65
CA LYS D 75 -25.54 8.60 -31.64
C LYS D 75 -26.20 9.93 -31.39
N ASP D 76 -27.38 10.12 -31.97
CA ASP D 76 -28.17 11.31 -31.71
C ASP D 76 -29.31 10.96 -30.75
N ILE D 77 -29.50 11.83 -29.77
CA ILE D 77 -30.56 11.73 -28.78
C ILE D 77 -31.38 13.01 -28.89
N SER D 78 -32.71 12.86 -28.83
CA SER D 78 -33.64 13.99 -28.79
C SER D 78 -34.01 14.29 -27.34
N PHE D 79 -33.74 15.51 -26.92
CA PHE D 79 -34.00 15.97 -25.55
C PHE D 79 -35.16 16.96 -25.56
N LYS D 80 -35.99 16.94 -24.50
CA LYS D 80 -37.03 17.96 -24.31
C LYS D 80 -36.35 19.20 -23.75
N VAL D 81 -36.35 20.29 -24.53
CA VAL D 81 -35.81 21.56 -24.04
C VAL D 81 -36.95 22.57 -23.95
N GLY D 82 -37.60 22.64 -22.81
CA GLY D 82 -38.73 23.54 -22.68
C GLY D 82 -39.92 22.97 -23.40
N LEU D 83 -40.59 23.79 -24.21
CA LEU D 83 -41.71 23.33 -25.01
C LEU D 83 -41.27 22.76 -26.34
N LEU D 84 -40.00 22.97 -26.68
CA LEU D 84 -39.36 22.54 -27.90
C LEU D 84 -38.59 21.25 -27.66
N ARG D 85 -37.94 20.74 -28.71
CA ARG D 85 -37.09 19.56 -28.61
C ARG D 85 -35.77 19.87 -29.30
N ALA D 86 -34.70 19.27 -28.78
CA ALA D 86 -33.38 19.44 -29.38
C ALA D 86 -32.65 18.10 -29.44
N THR D 87 -31.84 17.95 -30.48
CA THR D 87 -31.05 16.76 -30.72
C THR D 87 -29.64 17.01 -30.22
N VAL D 88 -29.10 16.06 -29.47
CA VAL D 88 -27.75 16.12 -28.92
C VAL D 88 -26.96 14.91 -29.37
N HIS D 89 -25.70 15.11 -29.76
CA HIS D 89 -24.82 14.00 -30.14
C HIS D 89 -24.32 13.28 -28.89
N TRP D 90 -24.05 11.99 -29.03
CA TRP D 90 -23.67 11.21 -27.86
C TRP D 90 -22.70 10.10 -28.23
N CYS D 91 -21.70 9.90 -27.38
CA CYS D 91 -20.85 8.73 -27.44
C CYS D 91 -20.95 8.09 -26.08
N ASP D 92 -20.94 6.78 -26.06
CA ASP D 92 -21.06 6.07 -24.79
C ASP D 92 -19.77 6.23 -23.99
N PRO D 93 -19.82 6.89 -22.82
CA PRO D 93 -18.60 6.98 -22.00
C PRO D 93 -18.02 5.61 -21.63
N ALA D 94 -18.86 4.58 -21.46
CA ALA D 94 -18.34 3.24 -21.14
C ALA D 94 -17.57 2.64 -22.29
N GLN D 95 -17.87 3.07 -23.51
CA GLN D 95 -17.14 2.58 -24.65
C GLN D 95 -15.81 3.31 -24.79
N ILE D 96 -15.75 4.61 -24.47
CA ILE D 96 -14.48 5.32 -24.65
C ILE D 96 -13.53 4.97 -23.52
N LEU D 97 -13.99 5.01 -22.29
CA LEU D 97 -13.12 4.82 -21.15
C LEU D 97 -12.93 3.35 -20.82
N GLY D 98 -13.60 2.44 -21.51
CA GLY D 98 -13.40 1.03 -21.20
C GLY D 98 -12.65 0.27 -22.26
N ASP D 99 -12.46 0.91 -23.43
CA ASP D 99 -11.83 0.28 -24.58
C ASP D 99 -10.43 -0.22 -24.22
N GLU D 100 -10.08 -1.38 -24.77
CA GLU D 100 -8.84 -2.05 -24.40
C GLU D 100 -7.88 -2.22 -25.57
N GLU D 101 -8.13 -1.56 -26.70
CA GLU D 101 -7.21 -1.65 -27.81
C GLU D 101 -5.82 -1.13 -27.42
N VAL D 102 -5.77 -0.08 -26.61
CA VAL D 102 -4.52 0.46 -26.06
C VAL D 102 -4.39 -0.03 -24.62
N PRO D 103 -3.36 -0.80 -24.28
CA PRO D 103 -3.15 -1.18 -22.87
C PRO D 103 -2.68 -0.01 -22.03
N VAL D 104 -2.97 -0.08 -20.73
CA VAL D 104 -2.69 1.03 -19.82
C VAL D 104 -1.98 0.52 -18.55
N TYR D 105 -0.81 1.07 -18.27
CA TYR D 105 -0.08 0.80 -17.05
C TYR D 105 -0.75 1.58 -15.91
N ARG D 106 -0.96 0.90 -14.79
N ARG D 106 -0.96 0.89 -14.78
CA ARG D 106 -1.61 1.51 -13.62
CA ARG D 106 -1.60 1.50 -13.62
C ARG D 106 -0.53 1.99 -12.65
C ARG D 106 -0.51 1.99 -12.66
N GLU D 107 0.25 2.97 -13.10
CA GLU D 107 1.30 3.53 -12.26
C GLU D 107 1.26 5.04 -12.39
N LYS D 108 2.01 5.69 -11.49
CA LYS D 108 2.10 7.15 -11.45
C LYS D 108 3.38 7.62 -12.09
N VAL D 109 3.23 8.45 -13.13
CA VAL D 109 4.37 9.05 -13.80
C VAL D 109 5.04 10.04 -12.87
N THR D 110 6.32 9.83 -12.58
CA THR D 110 7.03 10.68 -11.64
C THR D 110 7.91 11.70 -12.33
N ALA D 111 8.30 11.48 -13.58
CA ALA D 111 9.17 12.40 -14.29
C ALA D 111 9.15 12.05 -15.77
N LEU D 112 9.64 12.98 -16.59
CA LEU D 112 9.70 12.82 -18.04
C LEU D 112 11.09 13.24 -18.46
N THR D 113 11.89 12.29 -18.89
CA THR D 113 13.27 12.54 -19.23
C THR D 113 13.53 12.30 -20.71
N ARG D 114 14.46 13.06 -21.28
CA ARG D 114 14.93 12.85 -22.65
C ARG D 114 16.04 11.82 -22.65
N THR D 115 16.09 11.01 -23.70
CA THR D 115 17.12 10.01 -23.92
C THR D 115 17.62 10.14 -25.35
N SER D 116 18.69 9.40 -25.67
CA SER D 116 19.21 9.42 -27.04
C SER D 116 18.09 9.10 -28.01
N SER D 117 17.31 8.07 -27.69
CA SER D 117 16.24 7.60 -28.58
C SER D 117 14.98 8.44 -28.45
N GLY D 118 14.56 8.76 -27.22
CA GLY D 118 13.37 9.60 -27.11
C GLY D 118 13.02 10.08 -25.72
N TRP D 119 11.74 9.99 -25.37
CA TRP D 119 11.33 10.45 -24.06
C TRP D 119 11.19 9.23 -23.18
N ALA D 120 11.44 9.43 -21.89
CA ALA D 120 11.49 8.36 -20.90
C ALA D 120 10.50 8.66 -19.80
N VAL D 121 9.54 7.77 -19.61
CA VAL D 121 8.48 7.99 -18.65
C VAL D 121 8.85 7.20 -17.40
N SER D 122 9.11 7.92 -16.31
CA SER D 122 9.56 7.30 -15.08
C SER D 122 8.35 6.98 -14.22
N LEU D 123 8.39 5.82 -13.58
CA LEU D 123 7.25 5.32 -12.83
C LEU D 123 7.61 5.13 -11.38
N GLU D 124 6.68 5.53 -10.51
CA GLU D 124 6.90 5.46 -9.08
C GLU D 124 7.20 4.02 -8.68
N GLY D 125 8.25 3.83 -7.87
CA GLY D 125 8.61 2.53 -7.35
C GLY D 125 9.25 1.61 -8.35
N ARG D 126 9.60 2.10 -9.54
CA ARG D 126 10.20 1.27 -10.57
C ARG D 126 11.39 2.00 -11.19
N GLU D 127 12.58 1.42 -11.02
CA GLU D 127 13.81 1.98 -11.57
C GLU D 127 13.81 1.96 -13.09
N ALA D 128 13.06 1.06 -13.69
CA ALA D 128 12.98 1.06 -15.14
C ALA D 128 12.01 2.14 -15.56
N ALA D 129 12.24 2.70 -16.74
CA ALA D 129 11.42 3.76 -17.28
C ALA D 129 10.93 3.36 -18.65
N LEU D 130 9.72 3.78 -18.96
CA LEU D 130 9.11 3.46 -20.24
C LEU D 130 9.68 4.43 -21.25
N GLU D 131 9.68 4.04 -22.52
CA GLU D 131 10.27 4.93 -23.50
C GLU D 131 9.45 4.96 -24.76
N ALA D 132 9.35 6.13 -25.36
CA ALA D 132 8.67 6.27 -26.63
C ALA D 132 9.23 7.48 -27.37
N ARG D 133 9.01 7.47 -28.68
CA ARG D 133 9.44 8.55 -29.54
C ARG D 133 8.62 9.80 -29.25
N SER D 134 7.33 9.64 -29.02
CA SER D 134 6.41 10.72 -28.71
C SER D 134 5.73 10.45 -27.38
N VAL D 135 5.54 11.49 -26.58
CA VAL D 135 4.76 11.37 -25.35
C VAL D 135 3.67 12.43 -25.34
N VAL D 136 2.43 12.01 -25.16
CA VAL D 136 1.29 12.92 -25.01
C VAL D 136 0.85 12.90 -23.57
N VAL D 137 0.86 14.06 -22.91
CA VAL D 137 0.47 14.16 -21.51
C VAL D 137 -0.95 14.71 -21.46
N ALA D 138 -1.91 13.81 -21.25
CA ALA D 138 -3.32 14.13 -21.10
C ALA D 138 -3.71 13.86 -19.66
N ALA D 139 -3.17 14.68 -18.74
CA ALA D 139 -3.26 14.45 -17.30
C ALA D 139 -4.29 15.34 -16.62
N GLY D 140 -5.27 15.83 -17.37
CA GLY D 140 -6.30 16.70 -16.81
C GLY D 140 -5.70 17.86 -16.06
N VAL D 141 -6.25 18.13 -14.89
CA VAL D 141 -5.84 19.27 -14.09
C VAL D 141 -4.43 19.10 -13.52
N TRP D 142 -3.83 17.91 -13.71
CA TRP D 142 -2.50 17.63 -13.18
C TRP D 142 -1.43 17.71 -14.27
N THR D 143 -1.79 18.17 -15.47
CA THR D 143 -0.82 18.22 -16.54
C THR D 143 0.33 19.16 -16.20
N SER D 144 0.06 20.23 -15.44
CA SER D 144 1.07 21.17 -15.03
C SER D 144 2.03 20.57 -14.00
N GLU D 145 1.80 19.35 -13.57
CA GLU D 145 2.75 18.71 -12.67
C GLU D 145 3.83 17.97 -13.45
N LEU D 146 3.65 17.75 -14.74
CA LEU D 146 4.64 17.04 -15.55
C LEU D 146 5.21 17.89 -16.67
N VAL D 147 4.47 18.87 -17.15
CA VAL D 147 4.92 19.78 -18.21
C VAL D 147 4.82 21.20 -17.65
N ARG D 148 5.84 22.01 -17.90
CA ARG D 148 5.89 23.31 -17.25
C ARG D 148 5.93 24.48 -18.23
N SER D 149 5.15 24.43 -19.31
CA SER D 149 5.09 25.55 -20.24
C SER D 149 4.39 26.76 -19.59
N GLN D 150 4.35 27.85 -20.35
CA GLN D 150 3.71 29.06 -19.84
C GLN D 150 2.20 28.91 -19.83
N ALA D 151 1.61 28.39 -20.93
CA ALA D 151 0.16 28.24 -20.98
C ALA D 151 -0.34 27.42 -19.81
N LEU D 152 0.41 26.38 -19.44
CA LEU D 152 -0.05 25.52 -18.36
C LEU D 152 -0.07 26.23 -17.03
N GLY D 153 0.39 27.47 -16.99
CA GLY D 153 0.36 28.24 -15.76
C GLY D 153 -1.01 28.74 -15.40
N GLY D 154 -1.92 28.85 -16.37
CA GLY D 154 -3.26 29.21 -16.02
C GLY D 154 -4.17 28.03 -15.77
N LEU D 155 -3.62 26.82 -15.71
CA LEU D 155 -4.42 25.62 -15.56
C LEU D 155 -5.03 25.57 -14.18
N VAL D 156 -6.36 25.57 -14.12
CA VAL D 156 -7.08 25.48 -12.86
C VAL D 156 -8.11 24.37 -13.01
N GLY D 157 -8.75 24.02 -11.91
CA GLY D 157 -9.79 23.00 -11.89
C GLY D 157 -11.16 23.63 -11.65
N ARG D 158 -12.16 23.15 -12.38
CA ARG D 158 -13.56 23.50 -12.11
C ARG D 158 -14.29 22.20 -11.82
N ALA D 159 -14.59 21.97 -10.56
CA ALA D 159 -15.17 20.71 -10.11
C ALA D 159 -16.69 20.69 -10.28
N GLY D 160 -17.21 19.47 -10.34
CA GLY D 160 -18.64 19.25 -10.44
C GLY D 160 -18.95 17.82 -10.10
N VAL D 161 -20.24 17.55 -10.04
CA VAL D 161 -20.76 16.23 -9.70
C VAL D 161 -21.87 15.89 -10.67
N ALA D 162 -22.03 14.60 -10.91
CA ALA D 162 -23.16 14.06 -11.66
C ALA D 162 -23.67 12.89 -10.85
N PHE D 163 -24.93 12.56 -11.07
CA PHE D 163 -25.59 11.51 -10.31
C PHE D 163 -26.15 10.47 -11.27
N ARG D 164 -25.90 9.21 -10.97
CA ARG D 164 -26.37 8.09 -11.77
C ARG D 164 -27.27 7.20 -10.93
N TRP D 165 -28.56 7.19 -11.25
CA TRP D 165 -29.49 6.31 -10.58
C TRP D 165 -29.48 4.96 -11.29
N GLN D 166 -29.50 3.88 -10.50
CA GLN D 166 -29.48 2.53 -11.04
C GLN D 166 -30.89 1.98 -11.20
N ASP D 167 -31.05 1.05 -12.17
CA ASP D 167 -32.32 0.38 -12.48
C ASP D 167 -33.44 1.40 -12.62
N MET D 168 -33.21 2.36 -13.50
CA MET D 168 -34.13 3.45 -13.78
C MET D 168 -33.97 3.86 -15.22
N GLN D 169 -35.08 4.29 -15.82
CA GLN D 169 -35.05 4.80 -17.18
C GLN D 169 -36.02 5.98 -17.25
N LEU D 170 -35.69 6.94 -18.12
CA LEU D 170 -36.52 8.12 -18.32
C LEU D 170 -37.31 7.97 -19.61
N GLU D 171 -38.62 8.16 -19.52
CA GLU D 171 -39.44 8.21 -20.72
C GLU D 171 -39.20 9.52 -21.45
N GLU D 172 -38.81 10.58 -20.74
CA GLU D 172 -38.43 11.84 -21.36
C GLU D 172 -37.05 12.29 -20.89
N GLN D 173 -36.15 12.50 -21.84
CA GLN D 173 -34.83 13.04 -21.60
C GLN D 173 -34.85 14.54 -21.84
N PHE D 174 -34.21 15.31 -20.95
CA PHE D 174 -34.44 16.74 -20.92
C PHE D 174 -33.17 17.56 -20.69
N ILE D 175 -33.24 18.82 -21.11
CA ILE D 175 -32.27 19.85 -20.76
C ILE D 175 -33.14 20.98 -20.24
N SER D 176 -33.21 21.13 -18.91
CA SER D 176 -34.09 22.15 -18.34
C SER D 176 -33.27 23.28 -17.72
N PRO D 177 -33.17 24.44 -18.39
CA PRO D 177 -32.40 25.57 -17.85
C PRO D 177 -32.98 26.15 -16.57
N TRP D 178 -32.08 26.43 -15.60
CA TRP D 178 -32.46 26.98 -14.30
C TRP D 178 -31.74 28.27 -13.92
N ALA D 179 -30.68 28.64 -14.61
CA ALA D 179 -29.96 29.88 -14.34
C ALA D 179 -29.09 30.21 -15.56
N PRO D 180 -28.56 31.44 -15.66
CA PRO D 180 -27.67 31.75 -16.80
C PRO D 180 -26.51 30.78 -16.87
N TYR D 181 -26.35 30.16 -18.04
CA TYR D 181 -25.25 29.24 -18.33
C TYR D 181 -25.34 27.97 -17.50
N ARG D 182 -26.51 27.68 -16.90
CA ARG D 182 -26.72 26.53 -16.03
C ARG D 182 -28.03 25.84 -16.35
N GLN D 183 -27.98 24.51 -16.55
CA GLN D 183 -29.16 23.70 -16.88
C GLN D 183 -29.01 22.31 -16.28
N THR D 184 -30.11 21.75 -15.78
CA THR D 184 -30.12 20.37 -15.32
C THR D 184 -30.46 19.42 -16.46
N VAL D 185 -29.64 18.40 -16.62
CA VAL D 185 -29.71 17.47 -17.74
C VAL D 185 -29.98 16.09 -17.19
N GLY D 186 -31.02 15.44 -17.68
CA GLY D 186 -31.30 14.06 -17.33
C GLY D 186 -31.49 13.22 -18.57
N PHE D 187 -30.84 12.05 -18.58
CA PHE D 187 -30.96 11.18 -19.76
C PHE D 187 -30.56 9.77 -19.37
N ASN D 188 -30.74 8.85 -20.33
CA ASN D 188 -30.37 7.44 -20.17
C ASN D 188 -28.98 7.23 -20.73
N ILE D 189 -28.00 7.09 -19.83
CA ILE D 189 -26.61 6.92 -20.21
C ILE D 189 -26.29 5.47 -20.51
N SER D 190 -27.13 4.55 -20.05
CA SER D 190 -27.05 3.12 -20.22
C SER D 190 -28.48 2.62 -20.35
N PRO D 191 -28.71 1.42 -20.88
CA PRO D 191 -30.09 0.90 -20.95
C PRO D 191 -30.70 0.60 -19.59
N THR D 192 -29.95 0.81 -18.51
CA THR D 192 -30.41 0.49 -17.16
C THR D 192 -30.15 1.62 -16.17
N GLU D 193 -29.63 2.76 -16.62
CA GLU D 193 -29.21 3.80 -15.70
C GLU D 193 -29.60 5.19 -16.20
N VAL D 194 -29.89 6.08 -15.25
CA VAL D 194 -30.21 7.48 -15.53
C VAL D 194 -29.08 8.34 -14.97
N TRP D 195 -28.62 9.30 -15.77
CA TRP D 195 -27.53 10.22 -15.41
C TRP D 195 -28.12 11.63 -15.33
N VAL D 196 -27.83 12.35 -14.23
CA VAL D 196 -28.30 13.71 -14.05
C VAL D 196 -27.19 14.62 -13.54
N GLY D 197 -27.15 15.83 -14.07
CA GLY D 197 -26.20 16.82 -13.63
C GLY D 197 -26.77 18.20 -13.87
N ASP D 198 -26.26 19.19 -13.10
CA ASP D 198 -26.78 20.54 -13.18
C ASP D 198 -25.77 21.52 -13.75
N GLY D 199 -24.57 21.06 -14.10
CA GLY D 199 -23.61 21.92 -14.74
C GLY D 199 -22.78 22.75 -13.79
N SER D 200 -22.84 22.46 -12.50
CA SER D 200 -22.10 23.26 -11.53
C SER D 200 -20.61 23.11 -11.74
N ALA D 201 -19.90 24.23 -11.77
CA ALA D 201 -18.46 24.24 -11.94
C ALA D 201 -17.88 25.12 -10.84
N ILE D 202 -17.29 24.49 -9.83
CA ILE D 202 -16.80 25.16 -8.62
C ILE D 202 -15.32 24.84 -8.47
N LYS D 203 -14.57 25.79 -7.91
CA LYS D 203 -13.17 25.55 -7.60
C LYS D 203 -13.09 24.36 -6.65
N PRO D 204 -12.26 23.35 -6.94
CA PRO D 204 -12.31 22.12 -6.14
C PRO D 204 -12.19 22.36 -4.66
N GLU D 205 -11.44 23.40 -4.25
CA GLU D 205 -11.23 23.70 -2.83
C GLU D 205 -12.45 24.36 -2.19
N ASN D 206 -13.39 24.87 -2.97
CA ASN D 206 -14.58 25.48 -2.42
C ASN D 206 -15.76 24.53 -2.41
N TRP D 207 -15.51 23.26 -2.71
CA TRP D 207 -16.52 22.22 -2.80
C TRP D 207 -16.73 21.58 -1.42
N ASN D 208 -17.95 21.11 -1.17
CA ASN D 208 -18.28 20.53 0.13
C ASN D 208 -19.57 19.72 0.04
N GLN D 209 -19.86 18.97 1.10
CA GLN D 209 -21.06 18.12 1.06
C GLN D 209 -22.34 18.93 0.99
N ASP D 210 -22.37 20.14 1.56
CA ASP D 210 -23.57 20.96 1.48
C ASP D 210 -23.83 21.39 0.05
N ARG D 211 -22.76 21.80 -0.66
CA ARG D 211 -22.87 22.22 -2.04
C ARG D 211 -23.21 21.04 -2.95
N GLN D 212 -22.65 19.86 -2.65
CA GLN D 212 -22.98 18.67 -3.43
C GLN D 212 -24.44 18.31 -3.25
N ASN D 213 -24.96 18.46 -2.03
CA ASN D 213 -26.34 18.07 -1.81
C ASN D 213 -27.30 19.05 -2.46
N VAL D 214 -26.89 20.31 -2.63
CA VAL D 214 -27.71 21.25 -3.38
C VAL D 214 -27.80 20.79 -4.85
N SER D 215 -26.70 20.24 -5.39
CA SER D 215 -26.75 19.71 -6.75
C SER D 215 -27.52 18.40 -6.83
N TYR D 216 -27.44 17.56 -5.79
CA TYR D 216 -28.22 16.34 -5.80
C TYR D 216 -29.72 16.64 -5.84
N SER D 217 -30.17 17.53 -4.94
CA SER D 217 -31.60 17.85 -4.81
C SER D 217 -32.12 18.56 -6.05
N ARG D 218 -31.31 19.43 -6.66
CA ARG D 218 -31.70 20.00 -7.93
C ARG D 218 -31.90 18.89 -8.95
N CYS D 219 -31.02 17.88 -8.93
CA CYS D 219 -31.08 16.81 -9.90
C CYS D 219 -32.22 15.85 -9.60
N ALA D 220 -32.43 15.53 -8.32
CA ALA D 220 -33.54 14.65 -7.97
C ALA D 220 -34.88 15.33 -8.29
N GLN D 221 -35.04 16.62 -7.96
CA GLN D 221 -36.28 17.31 -8.27
C GLN D 221 -36.57 17.30 -9.77
N ALA D 222 -35.52 17.34 -10.60
CA ALA D 222 -35.72 17.34 -12.04
C ALA D 222 -36.21 16.00 -12.58
N ILE D 223 -35.99 14.90 -11.85
CA ILE D 223 -36.47 13.59 -12.26
C ILE D 223 -37.58 13.07 -11.34
N ASP D 224 -38.17 13.92 -10.51
CA ASP D 224 -39.21 13.48 -9.58
C ASP D 224 -38.76 12.29 -8.73
N ARG D 225 -37.61 12.46 -8.07
CA ARG D 225 -37.11 11.46 -7.15
C ARG D 225 -36.78 12.09 -5.81
N ALA D 226 -37.10 13.36 -5.65
CA ALA D 226 -36.98 14.05 -4.38
C ALA D 226 -38.15 13.66 -3.48
N GLY D 227 -37.84 13.25 -2.25
CA GLY D 227 -38.84 12.76 -1.32
C GLY D 227 -38.73 11.28 -1.04
N PHE D 228 -37.95 10.55 -1.88
CA PHE D 228 -37.82 9.10 -1.82
C PHE D 228 -36.60 8.63 -1.05
N GLY D 229 -35.76 9.55 -0.57
CA GLY D 229 -34.56 9.16 0.14
C GLY D 229 -33.65 8.23 -0.65
N ASP D 230 -33.43 8.57 -1.93
CA ASP D 230 -32.68 7.69 -2.83
C ASP D 230 -31.21 7.54 -2.42
N GLN D 231 -30.62 8.60 -1.86
CA GLN D 231 -29.21 8.54 -1.46
C GLN D 231 -29.00 7.54 -0.32
N GLU D 232 -29.78 7.65 0.77
CA GLU D 232 -29.53 6.78 1.91
C GLU D 232 -29.86 5.34 1.58
N ALA D 233 -30.63 5.13 0.51
CA ALA D 233 -30.94 3.81 0.00
C ALA D 233 -29.85 3.27 -0.92
N GLY D 234 -28.84 4.07 -1.25
CA GLY D 234 -27.83 3.63 -2.19
C GLY D 234 -28.38 3.46 -3.57
N ARG D 235 -29.44 4.19 -3.92
CA ARG D 235 -30.08 4.10 -5.23
C ARG D 235 -29.43 5.03 -6.25
N VAL D 236 -28.70 6.01 -5.79
CA VAL D 236 -28.02 6.96 -6.64
C VAL D 236 -26.55 6.94 -6.26
N LYS D 237 -25.69 6.97 -7.28
CA LYS D 237 -24.26 7.05 -7.11
C LYS D 237 -23.83 8.45 -7.48
N ALA D 238 -23.07 9.09 -6.61
CA ALA D 238 -22.55 10.43 -6.87
C ALA D 238 -21.17 10.30 -7.52
N LEU D 239 -20.95 11.07 -8.59
CA LEU D 239 -19.73 11.01 -9.41
C LEU D 239 -19.07 12.38 -9.37
N TYR D 240 -17.97 12.51 -8.62
CA TYR D 240 -17.28 13.80 -8.49
C TYR D 240 -16.04 13.83 -9.37
N GLY D 241 -15.84 14.96 -10.04
CA GLY D 241 -14.69 15.12 -10.92
C GLY D 241 -14.33 16.58 -11.12
N ILE D 242 -13.03 16.81 -11.38
CA ILE D 242 -12.48 18.13 -11.63
C ILE D 242 -12.25 18.31 -13.12
N ARG D 243 -12.93 19.33 -13.74
CA ARG D 243 -12.68 19.65 -15.13
C ARG D 243 -11.43 20.53 -15.22
N PRO D 244 -10.55 20.27 -16.20
CA PRO D 244 -9.39 21.15 -16.43
C PRO D 244 -9.79 22.40 -17.21
N TYR D 245 -9.38 23.57 -16.75
CA TYR D 245 -9.80 24.83 -17.38
C TYR D 245 -8.60 25.75 -17.54
N ILE D 246 -8.44 26.33 -18.73
CA ILE D 246 -7.45 27.37 -19.00
C ILE D 246 -8.12 28.47 -19.79
N ALA D 247 -8.23 29.65 -19.17
CA ALA D 247 -8.83 30.78 -19.86
C ALA D 247 -8.06 31.15 -21.13
N GLY D 248 -8.80 31.27 -22.24
CA GLY D 248 -8.29 31.67 -23.54
C GLY D 248 -7.89 30.56 -24.50
N VAL D 249 -8.35 29.34 -24.30
CA VAL D 249 -7.89 28.23 -25.15
C VAL D 249 -9.07 27.36 -25.55
N PRO D 251 -10.69 25.50 -27.87
CA PRO D 251 -11.39 24.34 -27.33
C PRO D 251 -10.64 23.75 -26.16
N CYS D 252 -9.35 23.56 -26.39
CA CYS D 252 -8.45 23.04 -25.37
C CYS D 252 -7.04 23.45 -25.76
N LEU D 253 -6.11 23.08 -24.91
CA LEU D 253 -4.70 23.26 -25.14
C LEU D 253 -4.13 21.98 -25.74
N LEU D 254 -3.58 22.09 -26.94
CA LEU D 254 -2.85 21.03 -27.62
C LEU D 254 -1.55 21.66 -28.08
N GLU D 255 -0.46 21.44 -27.36
CA GLU D 255 0.78 22.12 -27.70
C GLU D 255 1.93 21.16 -27.58
N GLU D 256 2.83 21.20 -28.57
CA GLU D 256 4.08 20.47 -28.52
C GLU D 256 5.06 21.33 -27.74
N VAL D 257 5.17 21.08 -26.43
CA VAL D 257 5.99 21.94 -25.57
C VAL D 257 7.46 21.82 -25.91
N GLU D 258 7.94 20.60 -26.08
CA GLU D 258 9.29 20.23 -26.47
C GLU D 258 9.12 19.23 -27.60
N PRO D 259 10.17 18.99 -28.39
CA PRO D 259 10.02 18.07 -29.53
C PRO D 259 9.56 16.68 -29.09
N GLY D 260 8.38 16.30 -29.57
CA GLY D 260 7.84 15.00 -29.26
C GLY D 260 7.06 14.94 -27.97
N LEU D 261 7.04 16.04 -27.20
CA LEU D 261 6.35 16.11 -25.92
C LEU D 261 5.17 17.06 -26.05
N TRP D 262 3.95 16.51 -25.97
CA TRP D 262 2.72 17.26 -26.14
C TRP D 262 1.97 17.40 -24.82
N ALA D 263 1.26 18.51 -24.69
CA ALA D 263 0.36 18.78 -23.57
C ALA D 263 -1.05 18.85 -24.16
N LEU D 264 -1.99 18.12 -23.54
CA LEU D 264 -3.38 18.06 -23.99
C LEU D 264 -4.30 18.15 -22.77
N THR D 265 -4.92 19.31 -22.56
CA THR D 265 -5.76 19.50 -21.38
C THR D 265 -6.62 20.75 -21.58
N GLY D 266 -7.37 21.11 -20.53
CA GLY D 266 -8.17 22.31 -20.60
C GLY D 266 -9.50 22.11 -21.29
N GLY D 267 -10.00 20.88 -21.41
CA GLY D 267 -11.20 20.73 -22.19
C GLY D 267 -12.49 21.09 -21.48
N ALA D 268 -12.39 21.64 -20.26
CA ALA D 268 -13.50 22.09 -19.42
C ALA D 268 -14.82 21.40 -19.73
N LYS D 269 -15.86 22.18 -19.99
CA LYS D 269 -17.06 21.63 -20.57
C LYS D 269 -16.81 21.67 -22.07
N ASN D 270 -17.35 20.65 -22.77
CA ASN D 270 -17.16 20.34 -24.20
C ASN D 270 -15.91 19.50 -24.35
N GLY D 271 -15.74 18.50 -23.49
CA GLY D 271 -14.50 17.76 -23.49
C GLY D 271 -14.45 16.72 -24.59
N THR D 272 -15.51 15.95 -24.75
CA THR D 272 -15.51 14.92 -25.79
C THR D 272 -15.32 15.49 -27.18
N ILE D 273 -15.98 16.61 -27.49
CA ILE D 273 -15.83 17.19 -28.82
C ILE D 273 -14.43 17.78 -28.99
N SER D 274 -13.89 18.41 -27.94
CA SER D 274 -12.52 18.93 -28.04
C SER D 274 -11.50 17.83 -28.10
N ALA D 275 -11.79 16.71 -27.43
CA ALA D 275 -10.87 15.59 -27.42
C ALA D 275 -10.81 14.93 -28.80
N GLY D 276 -11.98 14.80 -29.45
CA GLY D 276 -12.00 14.32 -30.83
C GLY D 276 -11.24 15.22 -31.78
N TRP D 277 -11.36 16.55 -31.60
CA TRP D 277 -10.59 17.47 -32.44
C TRP D 277 -9.09 17.30 -32.22
N ALA D 278 -8.65 17.39 -30.96
CA ALA D 278 -7.22 17.36 -30.68
C ALA D 278 -6.60 16.05 -31.16
N ALA D 279 -7.36 14.95 -31.10
CA ALA D 279 -6.87 13.69 -31.60
C ALA D 279 -6.78 13.68 -33.12
N SER D 280 -7.71 14.35 -33.80
CA SER D 280 -7.61 14.45 -35.24
C SER D 280 -6.29 15.10 -35.62
N GLU D 281 -5.90 16.16 -34.89
CA GLU D 281 -4.66 16.84 -35.20
C GLU D 281 -3.47 15.99 -34.81
N LEU D 282 -3.58 15.23 -33.72
CA LEU D 282 -2.45 14.43 -33.29
C LEU D 282 -2.23 13.31 -34.27
N VAL D 283 -3.32 12.84 -34.89
CA VAL D 283 -3.18 11.82 -35.91
C VAL D 283 -2.50 12.42 -37.14
N ARG D 284 -2.69 13.71 -37.36
CA ARG D 284 -2.03 14.32 -38.50
C ARG D 284 -0.57 14.65 -38.20
N ARG D 285 -0.27 15.05 -36.97
CA ARG D 285 1.04 15.62 -36.65
C ARG D 285 1.98 14.61 -36.00
N ILE D 286 1.56 13.37 -35.84
CA ILE D 286 2.48 12.36 -35.30
C ILE D 286 2.48 11.14 -36.23
PA FAD I . 11.57 -13.04 15.20
O1A FAD I . 10.57 -13.50 14.18
O2A FAD I . 11.10 -12.45 16.48
O5B FAD I . 12.56 -11.93 14.54
C5B FAD I . 12.77 -11.96 13.16
C4B FAD I . 12.60 -10.52 12.69
O4B FAD I . 13.24 -10.37 11.42
C3B FAD I . 11.15 -10.11 12.49
O3B FAD I . 10.97 -8.95 13.27
C2B FAD I . 11.03 -9.83 10.99
O2B FAD I . 10.19 -8.74 10.79
C1B FAD I . 12.47 -9.57 10.56
N9A FAD I . 12.86 -9.90 9.20
C8A FAD I . 12.80 -11.14 8.61
N7A FAD I . 13.23 -11.15 7.39
C5A FAD I . 13.63 -9.87 7.16
C6A FAD I . 14.18 -9.24 6.02
N6A FAD I . 14.43 -9.88 4.88
N1A FAD I . 14.46 -7.94 6.11
C2A FAD I . 14.19 -7.29 7.25
N3A FAD I . 13.67 -7.77 8.37
C4A FAD I . 13.40 -9.07 8.26
N1 FAD I . 10.74 -16.74 24.48
C2 FAD I . 11.23 -16.72 25.75
O2 FAD I . 12.39 -16.47 25.98
N3 FAD I . 10.34 -16.98 26.79
C4 FAD I . 9.00 -17.28 26.68
O4 FAD I . 8.27 -17.49 27.63
C4X FAD I . 8.53 -17.28 25.28
N5 FAD I . 7.30 -17.52 25.07
C5X FAD I . 6.87 -17.55 23.79
C6 FAD I . 5.51 -17.85 23.56
C7 FAD I . 4.98 -17.89 22.31
C7M FAD I . 3.53 -18.19 22.11
C8 FAD I . 5.84 -17.61 21.20
C8M FAD I . 5.30 -17.65 19.79
C9 FAD I . 7.18 -17.33 21.40
C9A FAD I . 7.72 -17.29 22.70
N10 FAD I . 9.05 -17.01 22.96
C10 FAD I . 9.50 -17.00 24.25
C1' FAD I . 9.99 -16.69 21.87
C2' FAD I . 10.75 -17.81 21.19
O2' FAD I . 11.87 -18.03 21.97
C3' FAD I . 11.15 -17.41 19.76
O3' FAD I . 12.01 -18.46 19.36
C4' FAD I . 11.92 -16.07 19.59
O4' FAD I . 11.07 -14.94 19.66
C5' FAD I . 12.66 -16.01 18.25
O5' FAD I . 12.98 -14.65 17.99
P FAD I . 13.89 -14.19 16.72
O1P FAD I . 14.39 -12.82 17.02
O2P FAD I . 14.85 -15.29 16.36
O3P FAD I . 12.70 -14.18 15.54
PA FAD J . -6.22 -20.28 -19.67
O1A FAD J . -7.06 -20.98 -20.70
O2A FAD J . -6.89 -19.66 -18.49
O5B FAD J . -5.34 -19.09 -20.33
C5B FAD J . -5.10 -19.13 -21.70
C4B FAD J . -5.32 -17.74 -22.27
O4B FAD J . -4.72 -17.74 -23.55
C3B FAD J . -6.79 -17.35 -22.50
O3B FAD J . -6.97 -16.17 -21.76
C2B FAD J . -6.87 -17.15 -24.01
O2B FAD J . -7.67 -16.08 -24.33
C1B FAD J . -5.41 -16.86 -24.37
N9A FAD J . -5.02 -17.20 -25.71
C8A FAD J . -5.01 -18.44 -26.27
N7A FAD J . -4.61 -18.43 -27.49
C5A FAD J . -4.35 -17.13 -27.76
C6A FAD J . -3.88 -16.45 -28.91
N6A FAD J . -3.59 -17.08 -30.04
N1A FAD J . -3.73 -15.13 -28.83
C2A FAD J . -4.02 -14.50 -27.69
N3A FAD J . -4.46 -15.01 -26.55
C4A FAD J . -4.61 -16.34 -26.65
N1 FAD J . -6.88 -23.69 -10.32
C2 FAD J . -6.42 -23.63 -9.05
O2 FAD J . -5.28 -23.34 -8.78
N3 FAD J . -7.27 -23.92 -7.98
C4 FAD J . -8.57 -24.26 -8.06
O4 FAD J . -9.22 -24.48 -7.07
C4X FAD J . -9.07 -24.31 -9.45
N5 FAD J . -10.29 -24.63 -9.66
C5X FAD J . -10.77 -24.69 -10.93
C6 FAD J . -12.12 -25.06 -11.15
C7 FAD J . -12.67 -25.15 -12.42
C7M FAD J . -14.09 -25.52 -12.67
C8 FAD J . -11.80 -24.86 -13.52
C8M FAD J . -12.34 -24.92 -14.93
C9 FAD J . -10.47 -24.50 -13.33
C9A FAD J . -9.93 -24.41 -12.03
N10 FAD J . -8.61 -24.08 -11.78
C10 FAD J . -8.14 -24.01 -10.52
C1' FAD J . -7.69 -23.74 -12.87
C2' FAD J . -6.91 -24.87 -13.50
O2' FAD J . -5.71 -24.99 -12.80
C3' FAD J . -6.66 -24.52 -14.97
O3' FAD J . -5.86 -25.58 -15.46
C4' FAD J . -5.92 -23.18 -15.15
O4' FAD J . -6.84 -22.11 -15.13
C5' FAD J . -5.13 -23.16 -16.45
O5' FAD J . -5.04 -21.82 -16.86
P FAD J . -3.99 -21.36 -18.04
O1P FAD J . -3.60 -19.95 -17.81
O2P FAD J . -3.04 -22.50 -18.30
O3P FAD J . -5.07 -21.38 -19.28
PA FAD K . 9.49 21.06 17.64
O1A FAD K . 9.61 21.70 18.97
O2A FAD K . 8.37 20.11 17.36
O5B FAD K . 10.83 20.18 17.38
C5B FAD K . 12.04 20.43 18.06
C4B FAD K . 12.57 19.06 18.46
O4B FAD K . 13.93 19.26 18.75
C3B FAD K . 11.99 18.44 19.73
O3B FAD K . 11.53 17.14 19.45
C2B FAD K . 13.19 18.36 20.68
O2B FAD K . 13.14 17.27 21.53
C1B FAD K . 14.33 18.31 19.68
N9A FAD K . 15.61 18.76 20.17
C8A FAD K . 15.92 20.05 20.50
N7A FAD K . 17.14 20.18 20.88
C5A FAD K . 17.67 18.94 20.80
C6A FAD K . 18.95 18.46 21.08
N6A FAD K . 19.92 19.27 21.53
N1A FAD K . 19.17 17.14 20.89
C2A FAD K . 18.17 16.38 20.46
N3A FAD K . 16.93 16.73 20.16
C4A FAD K . 16.73 18.03 20.36
N1 FAD K . 1.14 23.26 13.30
C2 FAD K . 0.44 23.10 12.15
O2 FAD K . 1.02 22.94 11.08
N3 FAD K . -0.94 23.15 12.21
C4 FAD K . -1.70 23.34 13.32
O4 FAD K . -2.89 23.38 13.27
C4X FAD K . -0.91 23.49 14.57
N5 FAD K . -1.46 23.69 15.72
C5X FAD K . -0.71 23.84 16.82
C6 FAD K . -1.32 24.06 18.07
C7 FAD K . -0.61 24.21 19.23
C7M FAD K . -1.30 24.42 20.54
C8 FAD K . 0.83 24.15 19.16
C8M FAD K . 1.66 24.32 20.40
C9 FAD K . 1.46 23.94 17.94
C9A FAD K . 0.72 23.78 16.77
N10 FAD K . 1.29 23.58 15.53
C10 FAD K . 0.52 23.43 14.42
C1' FAD K . 2.73 23.46 15.35
C2' FAD K . 3.52 24.71 15.05
O2' FAD K . 3.49 24.85 13.67
C3' FAD K . 4.93 24.50 15.63
O3' FAD K . 5.56 25.75 15.53
C4' FAD K . 5.77 23.40 14.94
O4' FAD K . 5.39 22.13 15.43
C5' FAD K . 7.28 23.63 15.09
O5' FAD K . 7.96 22.46 14.67
P FAD K . 9.56 22.21 14.84
O1P FAD K . 9.78 20.88 14.21
O2P FAD K . 10.33 23.40 14.38
O3P FAD K . 9.76 22.19 16.47
PA FAD L . -9.26 13.49 -16.55
O1A FAD L . -9.07 13.94 -15.16
O2A FAD L . -10.45 12.60 -16.86
O5B FAD L . -7.99 12.60 -17.05
C5B FAD L . -6.72 12.83 -16.49
C4B FAD L . -6.16 11.49 -16.11
O4B FAD L . -4.78 11.66 -15.89
C3B FAD L . -6.74 10.96 -14.78
O3B FAD L . -7.14 9.63 -14.98
C2B FAD L . -5.57 10.92 -13.81
O2B FAD L . -5.65 9.75 -13.07
C1B FAD L . -4.37 10.89 -14.77
N9A FAD L . -3.10 11.33 -14.19
C8A FAD L . -2.78 12.56 -13.69
N7A FAD L . -1.56 12.64 -13.28
C5A FAD L . -1.03 11.39 -13.50
C6A FAD L . 0.23 10.83 -13.25
N6A FAD L . 1.24 11.50 -12.70
N1A FAD L . 0.42 9.55 -13.60
C2A FAD L . -0.57 8.88 -14.15
N3A FAD L . -1.80 9.30 -14.42
C4A FAD L . -1.98 10.57 -14.07
N1 FAD L . -17.77 15.78 -20.92
C2 FAD L . -18.45 15.67 -22.09
O2 FAD L . -17.88 15.52 -23.15
N3 FAD L . -19.84 15.72 -22.03
C4 FAD L . -20.60 15.87 -20.89
O4 FAD L . -21.80 15.89 -20.93
C4X FAD L . -19.81 16.00 -19.66
N5 FAD L . -20.41 16.15 -18.53
C5X FAD L . -19.64 16.27 -17.42
C6 FAD L . -20.30 16.45 -16.19
C7 FAD L . -19.59 16.59 -15.02
C7M FAD L . -20.28 16.76 -13.71
C8 FAD L . -18.17 16.54 -15.06
C8M FAD L . -17.40 16.69 -13.78
C9 FAD L . -17.50 16.37 -16.25
C9A FAD L . -18.23 16.24 -17.45
N10 FAD L . -17.62 16.07 -18.68
C10 FAD L . -18.38 15.94 -19.79
C1' FAD L . -16.16 15.96 -18.82
C2' FAD L . -15.38 17.22 -19.07
O2' FAD L . -15.49 17.45 -20.44
C3' FAD L . -13.92 17.08 -18.57
O3' FAD L . -13.23 18.28 -18.88
C4' FAD L . -13.08 15.93 -19.18
O4' FAD L . -13.46 14.72 -18.58
C5' FAD L . -11.58 16.20 -19.01
O5' FAD L . -10.90 14.96 -19.11
P FAD L . -9.28 14.77 -19.21
O1P FAD L . -8.79 16.00 -19.90
O2P FAD L . -8.96 13.42 -19.76
O3P FAD L . -9.02 14.73 -17.59
#